data_1WIQ
#
_entry.id   1WIQ
#
_cell.length_a   126.000
_cell.length_b   126.000
_cell.length_c   205.000
_cell.angle_alpha   90.00
_cell.angle_beta   90.00
_cell.angle_gamma   120.00
#
_symmetry.space_group_name_H-M   'P 31 2 1'
#
_entity_poly.entity_id   1
_entity_poly.type   'polypeptide(L)'
_entity_poly.pdbx_seq_one_letter_code
;KKVVLGKKGDTVELTCTASQKKSIQFHWKNSNQIKILGNQGSFLTKGPSKLNDRADSRRSLWDQGNFPLIIKNLKIEDSD
TYICEVEDQKEEVQLLVFGLTANSDTHLLQGQSLTLTLESPPGSSPSVQCRSPRGKNIQGGKTLSVSQLELQDSGTWTCT
VLQNQKKVEFKIDIVVLAFQKASSIVYKKEGEQVEFSFPLAFTVEKLTGSGELWWQAERASSSKSWITFDLKNKEVSVKR
VTQDPKLQMGKKLPLHLTLPQALPQYAGSGNLTLALEAKTGKLHQEVNLVVMRATQLQKNLTCEVWGPTSPKLMLSLKLE
NKEAKVSKREKAVWVLNPEAGMWQCLLSDSGQVLLESNIKVLP
;
_entity_poly.pdbx_strand_id   A,B
#
# COMPACT_ATOMS: atom_id res chain seq x y z
N LYS A 1 7.93 56.19 38.10
CA LYS A 1 8.03 57.33 37.15
C LYS A 1 8.66 56.83 35.87
N LYS A 2 9.43 57.68 35.20
CA LYS A 2 10.06 57.31 33.95
C LYS A 2 11.15 56.27 34.22
N VAL A 3 10.88 55.04 33.80
CA VAL A 3 11.80 53.93 33.97
C VAL A 3 12.18 53.48 32.58
N VAL A 4 13.33 53.94 32.10
CA VAL A 4 13.81 53.59 30.79
C VAL A 4 14.98 52.65 30.94
N LEU A 5 15.09 51.68 30.05
CA LEU A 5 16.18 50.73 30.11
C LEU A 5 17.21 51.09 29.05
N GLY A 6 18.41 50.53 29.17
CA GLY A 6 19.45 50.85 28.22
C GLY A 6 20.41 49.69 28.06
N LYS A 7 21.29 49.74 27.08
CA LYS A 7 22.23 48.66 26.87
C LYS A 7 23.65 49.15 27.16
N LYS A 8 24.52 48.27 27.64
CA LYS A 8 25.88 48.68 27.95
C LYS A 8 26.57 49.22 26.73
N GLY A 9 27.24 50.35 26.88
CA GLY A 9 27.95 50.95 25.76
C GLY A 9 27.06 51.51 24.67
N ASP A 10 25.78 51.19 24.72
CA ASP A 10 24.81 51.68 23.75
C ASP A 10 24.63 53.14 24.14
N THR A 11 23.45 53.70 23.96
CA THR A 11 23.21 55.08 24.38
C THR A 11 21.73 55.10 24.68
N VAL A 12 21.24 56.23 25.19
CA VAL A 12 19.81 56.36 25.49
C VAL A 12 19.50 57.82 25.58
N GLU A 13 18.23 58.15 25.35
CA GLU A 13 17.80 59.53 25.42
C GLU A 13 16.70 59.77 26.43
N LEU A 14 17.01 60.62 27.39
CA LEU A 14 16.09 60.97 28.45
C LEU A 14 15.31 62.16 28.02
N THR A 15 14.01 62.02 28.00
CA THR A 15 13.18 63.12 27.63
C THR A 15 12.97 64.12 28.71
N CYS A 16 12.58 65.31 28.29
CA CYS A 16 12.35 66.40 29.19
C CYS A 16 11.96 67.58 28.33
N THR A 17 10.76 68.03 28.56
CA THR A 17 10.20 69.16 27.87
C THR A 17 9.32 69.77 28.94
N ALA A 18 8.36 70.57 28.50
CA ALA A 18 7.42 71.25 29.38
C ALA A 18 6.62 72.16 28.45
N SER A 19 5.66 72.92 28.98
CA SER A 19 4.90 73.83 28.13
C SER A 19 5.89 74.97 27.84
N GLN A 20 5.41 76.18 27.62
CA GLN A 20 6.28 77.32 27.34
C GLN A 20 7.23 77.15 26.14
N LYS A 21 7.63 75.91 25.84
CA LYS A 21 8.48 75.56 24.71
C LYS A 21 9.70 76.40 24.27
N LYS A 22 9.95 77.54 24.92
CA LYS A 22 11.07 78.41 24.52
C LYS A 22 12.37 78.03 25.22
N SER A 23 13.50 78.45 24.65
CA SER A 23 14.82 78.16 25.23
C SER A 23 14.89 78.71 26.64
N ILE A 24 14.70 77.85 27.63
CA ILE A 24 14.72 78.28 29.01
C ILE A 24 15.73 77.48 29.80
N GLN A 25 15.97 77.86 31.05
CA GLN A 25 16.92 77.13 31.91
C GLN A 25 16.37 75.76 32.18
N PHE A 26 17.29 74.85 32.43
CA PHE A 26 16.96 73.48 32.78
C PHE A 26 18.24 72.87 33.32
N HIS A 27 18.10 71.79 34.08
CA HIS A 27 19.27 71.14 34.61
C HIS A 27 18.98 69.74 35.10
N TRP A 28 19.76 68.82 34.55
CA TRP A 28 19.68 67.42 34.87
C TRP A 28 20.58 67.11 36.04
N LYS A 29 20.01 66.57 37.11
CA LYS A 29 20.79 66.18 38.26
C LYS A 29 20.34 64.79 38.70
N ASN A 30 21.28 63.97 39.13
CA ASN A 30 20.92 62.61 39.57
C ASN A 30 20.40 62.66 41.00
N SER A 31 19.93 61.53 41.51
CA SER A 31 19.40 61.49 42.86
C SER A 31 20.41 62.05 43.89
N ASN A 32 21.67 62.19 43.48
CA ASN A 32 22.69 62.69 44.40
C ASN A 32 22.80 64.19 44.33
N GLN A 33 21.80 64.80 43.72
CA GLN A 33 21.74 66.23 43.50
C GLN A 33 22.93 66.85 42.81
N ILE A 34 23.58 66.03 42.00
CA ILE A 34 24.72 66.47 41.21
C ILE A 34 24.21 66.75 39.82
N LYS A 35 24.68 67.86 39.29
CA LYS A 35 24.31 68.36 37.97
C LYS A 35 25.04 67.71 36.82
N ILE A 36 24.32 66.89 36.08
CA ILE A 36 24.87 66.20 34.94
C ILE A 36 25.33 67.25 33.96
N LEU A 37 24.40 68.02 33.44
CA LEU A 37 24.71 69.06 32.48
C LEU A 37 23.62 70.11 32.57
N GLY A 38 23.93 71.36 32.21
CA GLY A 38 22.95 72.41 32.29
C GLY A 38 23.15 73.41 31.18
N ASN A 39 22.44 74.53 31.24
CA ASN A 39 22.60 75.53 30.20
C ASN A 39 22.81 76.92 30.72
N GLN A 40 23.10 77.80 29.77
CA GLN A 40 23.33 79.22 29.97
C GLN A 40 23.35 79.79 28.54
N GLY A 41 22.16 79.90 27.94
CA GLY A 41 22.08 80.39 26.58
C GLY A 41 22.45 79.23 25.68
N SER A 42 23.09 79.52 24.57
CA SER A 42 23.48 78.47 23.63
C SER A 42 24.57 77.62 24.25
N PHE A 43 25.29 78.22 25.19
CA PHE A 43 26.40 77.56 25.84
C PHE A 43 25.93 76.40 26.73
N LEU A 44 26.14 75.18 26.23
CA LEU A 44 25.77 73.96 26.95
C LEU A 44 26.87 73.61 27.96
N THR A 45 26.45 73.27 29.17
CA THR A 45 27.39 72.94 30.24
C THR A 45 27.11 71.56 30.84
N LYS A 46 28.08 71.07 31.63
CA LYS A 46 28.00 69.76 32.28
C LYS A 46 28.45 69.91 33.72
N GLY A 47 28.53 68.79 34.43
CA GLY A 47 28.95 68.85 35.82
C GLY A 47 30.18 68.03 36.16
N PRO A 48 30.60 68.02 37.45
CA PRO A 48 31.75 67.30 37.97
C PRO A 48 31.47 65.80 38.06
N SER A 49 30.18 65.46 38.02
CA SER A 49 29.71 64.08 38.09
C SER A 49 30.47 63.13 37.19
N LYS A 50 30.54 61.88 37.62
CA LYS A 50 31.22 60.85 36.85
C LYS A 50 30.73 60.76 35.40
N LEU A 51 29.46 61.13 35.19
CA LEU A 51 28.83 61.09 33.87
C LEU A 51 29.40 62.08 32.88
N ASN A 52 29.92 63.19 33.40
CA ASN A 52 30.53 64.25 32.60
C ASN A 52 30.51 64.15 31.06
N ASP A 53 31.70 64.00 30.51
CA ASP A 53 31.94 63.94 29.09
C ASP A 53 31.32 62.79 28.32
N ARG A 54 30.19 62.30 28.78
CA ARG A 54 29.52 61.23 28.06
C ARG A 54 28.05 61.61 27.98
N ALA A 55 27.73 62.77 28.55
CA ALA A 55 26.38 63.27 28.56
C ALA A 55 26.32 64.36 27.53
N ASP A 56 25.13 64.64 27.01
CA ASP A 56 25.01 65.68 26.01
C ASP A 56 23.53 66.00 25.83
N SER A 57 23.24 67.22 25.40
CA SER A 57 21.87 67.66 25.15
C SER A 57 21.84 68.29 23.78
N ARG A 58 20.71 68.18 23.08
CA ARG A 58 20.57 68.75 21.75
C ARG A 58 20.14 70.21 21.74
N ARG A 59 21.11 71.10 21.57
CA ARG A 59 20.83 72.53 21.54
C ARG A 59 19.76 72.92 20.52
N SER A 60 19.78 72.28 19.34
CA SER A 60 18.77 72.60 18.34
C SER A 60 17.40 72.29 18.93
N LEU A 61 17.20 71.06 19.36
CA LEU A 61 15.94 70.67 19.95
C LEU A 61 15.65 71.52 21.17
N TRP A 62 16.62 72.29 21.66
CA TRP A 62 16.41 73.14 22.83
C TRP A 62 15.34 74.20 22.55
N ASP A 63 15.47 74.88 21.42
CA ASP A 63 14.53 75.91 21.03
C ASP A 63 13.07 75.49 21.11
N GLN A 64 12.79 74.23 20.78
CA GLN A 64 11.44 73.63 20.80
C GLN A 64 11.00 73.01 22.13
N GLY A 65 11.60 73.44 23.22
CA GLY A 65 11.22 72.90 24.50
C GLY A 65 12.04 71.73 25.00
N ASN A 66 12.54 70.85 24.14
CA ASN A 66 13.33 69.75 24.69
C ASN A 66 14.65 70.20 25.21
N PHE A 67 14.97 69.62 26.34
CA PHE A 67 16.21 69.83 27.07
C PHE A 67 16.57 68.37 27.32
N PRO A 68 16.76 67.59 26.25
CA PRO A 68 17.08 66.17 26.25
C PRO A 68 18.45 65.83 26.82
N LEU A 69 18.55 64.60 27.36
CA LEU A 69 19.80 64.10 27.94
C LEU A 69 20.25 62.88 27.15
N ILE A 70 21.42 62.99 26.52
CA ILE A 70 21.94 61.87 25.75
C ILE A 70 23.17 61.34 26.45
N ILE A 71 23.11 60.07 26.83
CA ILE A 71 24.22 59.43 27.51
C ILE A 71 24.79 58.44 26.51
N LYS A 72 26.08 58.62 26.22
CA LYS A 72 26.81 57.77 25.28
C LYS A 72 27.38 56.64 26.11
N ASN A 73 28.32 55.90 25.54
CA ASN A 73 28.98 54.77 26.17
C ASN A 73 28.48 54.40 27.56
N LEU A 74 27.25 53.89 27.58
CA LEU A 74 26.54 53.50 28.80
C LEU A 74 27.29 52.64 29.81
N LYS A 75 27.68 53.24 30.93
CA LYS A 75 28.35 52.52 31.99
C LYS A 75 27.27 51.90 32.87
N ILE A 76 27.40 50.60 33.14
CA ILE A 76 26.44 49.84 33.95
C ILE A 76 26.03 50.65 35.17
N GLU A 77 27.05 51.29 35.74
CA GLU A 77 26.89 52.10 36.91
C GLU A 77 26.27 53.46 36.62
N ASP A 78 25.49 53.53 35.54
CA ASP A 78 24.81 54.78 35.20
C ASP A 78 23.39 54.63 35.71
N SER A 79 23.03 53.40 36.08
CA SER A 79 21.72 53.12 36.62
C SER A 79 21.38 53.99 37.83
N ASP A 80 20.56 55.01 37.62
CA ASP A 80 20.17 55.91 38.68
C ASP A 80 18.85 56.61 38.35
N THR A 81 18.39 57.45 39.26
CA THR A 81 17.19 58.24 39.08
C THR A 81 17.71 59.65 38.84
N TYR A 82 17.59 60.13 37.59
CA TYR A 82 18.00 61.48 37.20
C TYR A 82 16.76 62.36 37.24
N ILE A 83 16.95 63.65 37.48
CA ILE A 83 15.83 64.56 37.55
C ILE A 83 16.08 65.70 36.59
N CYS A 84 15.04 66.10 35.88
CA CYS A 84 15.21 67.22 34.99
C CYS A 84 14.41 68.36 35.56
N GLU A 85 15.12 69.21 36.29
CA GLU A 85 14.54 70.39 36.90
C GLU A 85 14.46 71.49 35.85
N VAL A 86 13.25 71.61 35.31
CA VAL A 86 12.87 72.58 34.27
C VAL A 86 12.03 73.64 35.00
N GLU A 87 11.85 74.77 34.36
CA GLU A 87 11.10 75.93 34.82
C GLU A 87 10.17 76.09 36.06
N ASP A 88 10.03 75.07 36.93
CA ASP A 88 9.18 75.07 38.17
C ASP A 88 8.63 73.64 38.43
N GLN A 89 9.33 72.61 38.00
CA GLN A 89 8.83 71.26 38.20
C GLN A 89 9.98 70.24 38.08
N LYS A 90 9.72 69.01 38.51
CA LYS A 90 10.75 67.99 38.46
C LYS A 90 10.30 66.69 37.77
N GLU A 91 11.17 66.17 36.93
CA GLU A 91 10.95 64.92 36.21
C GLU A 91 11.90 63.86 36.76
N GLU A 92 11.33 62.81 37.35
CA GLU A 92 12.10 61.70 37.91
C GLU A 92 12.23 60.58 36.86
N VAL A 93 13.46 60.22 36.51
CA VAL A 93 13.71 59.17 35.52
C VAL A 93 14.79 58.19 35.98
N GLN A 94 14.43 56.92 36.09
CA GLN A 94 15.39 55.92 36.49
C GLN A 94 15.79 55.16 35.24
N LEU A 95 17.07 55.16 34.95
CA LEU A 95 17.62 54.49 33.77
C LEU A 95 18.29 53.20 34.21
N LEU A 96 17.66 52.07 34.01
CA LEU A 96 18.28 50.82 34.43
C LEU A 96 18.89 50.13 33.21
N VAL A 97 20.20 49.97 33.22
CA VAL A 97 20.87 49.31 32.10
C VAL A 97 20.85 47.80 32.28
N PHE A 98 21.39 47.08 31.30
CA PHE A 98 21.47 45.63 31.33
C PHE A 98 22.56 45.21 30.36
N GLY A 99 22.93 43.93 30.39
CA GLY A 99 23.96 43.45 29.49
C GLY A 99 24.03 41.94 29.36
N LEU A 100 23.34 41.40 28.36
CA LEU A 100 23.29 39.96 28.09
C LEU A 100 24.60 39.50 27.47
N THR A 101 25.19 38.44 28.00
CA THR A 101 26.45 37.95 27.47
C THR A 101 26.74 36.45 27.60
N ALA A 102 27.47 35.95 26.62
CA ALA A 102 27.86 34.57 26.60
C ALA A 102 29.37 34.61 26.84
N ASN A 103 29.84 33.81 27.80
CA ASN A 103 31.28 33.73 28.09
C ASN A 103 32.01 32.67 27.23
N SER A 104 31.35 31.55 26.96
CA SER A 104 31.90 30.42 26.18
C SER A 104 32.24 30.66 24.73
N ASP A 105 32.05 31.89 24.30
CA ASP A 105 32.27 32.39 22.96
C ASP A 105 33.02 31.63 21.85
N THR A 106 33.79 32.39 21.05
CA THR A 106 34.56 31.98 19.85
C THR A 106 34.80 30.55 19.38
N HIS A 107 34.17 30.29 18.22
CA HIS A 107 34.19 29.03 17.49
C HIS A 107 33.45 27.93 18.27
N LEU A 108 32.11 27.95 18.23
CA LEU A 108 31.33 26.94 18.93
C LEU A 108 30.93 25.82 18.02
N LEU A 109 31.36 24.62 18.37
CA LEU A 109 31.01 23.48 17.57
C LEU A 109 29.84 22.94 18.33
N GLN A 110 29.29 21.86 17.83
CA GLN A 110 28.18 21.11 18.38
C GLN A 110 28.28 20.72 19.84
N GLY A 111 27.11 20.53 20.45
CA GLY A 111 27.00 20.10 21.82
C GLY A 111 27.47 21.12 22.82
N GLN A 112 28.77 21.38 22.79
CA GLN A 112 29.39 22.31 23.72
C GLN A 112 28.48 23.46 24.09
N SER A 113 27.84 23.28 25.24
CA SER A 113 26.88 24.21 25.80
C SER A 113 27.19 25.69 25.65
N LEU A 114 26.12 26.46 25.59
CA LEU A 114 26.19 27.90 25.46
C LEU A 114 25.60 28.43 26.74
N THR A 115 26.24 29.44 27.31
CA THR A 115 25.79 30.06 28.57
C THR A 115 25.50 31.56 28.44
N LEU A 116 24.40 32.02 29.07
CA LEU A 116 24.04 33.41 28.97
C LEU A 116 23.81 34.00 30.33
N THR A 117 24.82 34.71 30.82
CA THR A 117 24.77 35.37 32.12
C THR A 117 24.40 36.84 31.87
N LEU A 118 23.80 37.49 32.85
CA LEU A 118 23.37 38.86 32.65
C LEU A 118 23.91 39.91 33.62
N GLU A 119 24.08 41.14 33.14
CA GLU A 119 24.52 42.26 33.99
C GLU A 119 23.28 43.10 34.24
N SER A 120 23.19 43.66 35.44
CA SER A 120 22.03 44.48 35.80
C SER A 120 22.34 45.31 37.04
N PRO A 121 21.60 46.40 37.23
CA PRO A 121 21.82 47.25 38.41
C PRO A 121 21.60 46.36 39.63
N PRO A 122 22.54 46.40 40.59
CA PRO A 122 22.53 45.64 41.84
C PRO A 122 21.14 45.30 42.31
N GLY A 123 20.36 46.36 42.46
CA GLY A 123 19.02 46.18 42.94
C GLY A 123 17.80 46.08 42.09
N SER A 124 17.79 45.39 40.98
CA SER A 124 16.54 45.27 40.23
C SER A 124 16.57 43.90 39.66
N SER A 125 15.45 43.40 39.20
CA SER A 125 15.52 42.07 38.65
C SER A 125 15.07 41.90 37.23
N PRO A 126 15.85 41.15 36.47
CA PRO A 126 15.55 40.92 35.06
C PRO A 126 14.98 39.50 34.93
N SER A 127 14.69 39.12 33.69
CA SER A 127 14.18 37.81 33.32
C SER A 127 14.55 37.76 31.87
N VAL A 128 15.05 36.64 31.42
CA VAL A 128 15.42 36.58 30.03
C VAL A 128 14.73 35.48 29.26
N GLN A 129 14.14 35.85 28.14
CA GLN A 129 13.42 34.98 27.23
C GLN A 129 14.25 34.93 25.95
N CYS A 130 15.13 33.95 25.82
CA CYS A 130 15.92 33.92 24.62
C CYS A 130 15.19 33.18 23.52
N ARG A 131 14.65 33.93 22.58
CA ARG A 131 13.98 33.32 21.43
C ARG A 131 15.12 32.86 20.51
N SER A 132 15.02 31.64 19.99
CA SER A 132 16.04 31.13 19.10
C SER A 132 15.82 31.58 17.64
N PRO A 133 16.84 31.38 16.76
CA PRO A 133 16.63 31.81 15.37
C PRO A 133 15.56 30.93 14.79
N ARG A 134 15.40 29.76 15.40
CA ARG A 134 14.39 28.83 14.96
C ARG A 134 13.77 28.15 16.14
N GLY A 135 12.54 28.55 16.46
CA GLY A 135 11.79 27.96 17.56
C GLY A 135 12.23 28.20 19.00
N LYS A 136 12.06 27.16 19.82
CA LYS A 136 12.40 27.14 21.24
C LYS A 136 12.44 28.49 22.00
N ASN A 137 11.38 28.83 22.73
CA ASN A 137 11.38 30.09 23.47
C ASN A 137 12.05 29.81 24.78
N ILE A 138 13.37 29.56 24.72
CA ILE A 138 14.14 29.26 25.91
C ILE A 138 14.24 30.51 26.80
N GLN A 139 13.86 30.36 28.07
CA GLN A 139 13.85 31.46 29.03
C GLN A 139 14.47 31.01 30.33
N GLY A 140 14.95 31.97 31.13
CA GLY A 140 15.56 31.68 32.41
C GLY A 140 15.62 32.87 33.36
N GLY A 141 16.65 32.91 34.23
CA GLY A 141 16.79 33.98 35.20
C GLY A 141 17.86 34.99 34.88
N LYS A 142 18.74 35.30 35.84
CA LYS A 142 19.83 36.25 35.60
C LYS A 142 20.83 35.50 34.73
N THR A 143 20.47 34.27 34.43
CA THR A 143 21.26 33.38 33.66
C THR A 143 20.44 32.26 33.07
N LEU A 144 20.75 31.95 31.83
CA LEU A 144 20.11 30.88 31.11
C LEU A 144 21.10 30.47 30.03
N SER A 145 21.35 29.17 29.96
CA SER A 145 22.29 28.59 29.01
C SER A 145 21.60 27.55 28.11
N VAL A 146 22.01 27.52 26.84
CA VAL A 146 21.48 26.57 25.88
C VAL A 146 22.32 25.30 26.05
N SER A 147 21.63 24.18 26.25
CA SER A 147 22.24 22.85 26.44
C SER A 147 23.30 22.49 25.39
N GLN A 148 23.05 21.48 24.56
CA GLN A 148 24.04 21.14 23.56
C GLN A 148 23.47 21.64 22.26
N LEU A 149 24.15 22.61 21.67
CA LEU A 149 23.68 23.20 20.43
C LEU A 149 23.61 22.25 19.23
N GLU A 150 22.43 22.17 18.61
CA GLU A 150 22.20 21.35 17.42
C GLU A 150 22.10 22.29 16.23
N LEU A 151 22.84 21.97 15.17
CA LEU A 151 22.91 22.78 13.95
C LEU A 151 21.91 23.92 13.79
N GLN A 152 20.63 23.59 13.59
CA GLN A 152 19.54 24.56 13.35
C GLN A 152 19.47 25.77 14.30
N ASP A 153 20.13 25.66 15.44
CA ASP A 153 20.15 26.75 16.39
C ASP A 153 21.28 27.69 16.02
N SER A 154 21.66 27.73 14.76
CA SER A 154 22.76 28.57 14.33
C SER A 154 22.15 29.89 13.90
N GLY A 155 22.80 31.00 14.15
CA GLY A 155 22.25 32.24 13.66
C GLY A 155 22.20 33.45 14.56
N THR A 156 21.03 34.03 14.66
CA THR A 156 20.92 35.20 15.47
C THR A 156 19.72 34.95 16.36
N TRP A 157 19.96 34.98 17.66
CA TRP A 157 18.92 34.79 18.65
C TRP A 157 18.34 36.18 18.96
N THR A 158 17.41 36.22 19.90
CA THR A 158 16.81 37.48 20.32
C THR A 158 16.28 37.38 21.78
N CYS A 159 17.21 37.38 22.73
CA CYS A 159 16.88 37.30 24.15
C CYS A 159 16.29 38.61 24.60
N THR A 160 15.32 38.56 25.49
CA THR A 160 14.70 39.76 25.99
C THR A 160 14.85 39.88 27.49
N VAL A 161 15.43 40.99 27.93
CA VAL A 161 15.62 41.28 29.34
C VAL A 161 14.41 42.00 29.92
N LEU A 162 13.51 41.23 30.50
CA LEU A 162 12.30 41.80 31.06
C LEU A 162 12.60 42.30 32.44
N GLN A 163 12.11 43.51 32.71
CA GLN A 163 12.26 44.15 33.99
C GLN A 163 11.16 45.20 33.97
N ASN A 164 10.28 45.18 34.97
CA ASN A 164 9.22 46.19 35.02
C ASN A 164 8.26 46.00 33.84
N GLN A 165 7.37 46.97 33.63
CA GLN A 165 6.42 46.87 32.54
C GLN A 165 7.13 47.29 31.24
N LYS A 166 8.46 47.35 31.38
CA LYS A 166 9.42 47.67 30.33
C LYS A 166 10.20 46.37 30.05
N LYS A 167 10.89 46.31 28.91
CA LYS A 167 11.68 45.15 28.53
C LYS A 167 12.68 45.61 27.50
N VAL A 168 13.87 45.03 27.50
CA VAL A 168 14.90 45.39 26.54
C VAL A 168 15.41 44.13 25.85
N GLU A 169 15.29 44.16 24.51
CA GLU A 169 15.70 43.05 23.63
C GLU A 169 17.22 43.03 23.50
N PHE A 170 17.75 41.86 23.14
CA PHE A 170 19.18 41.68 22.95
C PHE A 170 19.47 40.78 21.74
N LYS A 171 20.39 41.18 20.87
CA LYS A 171 20.68 40.35 19.69
C LYS A 171 22.03 39.69 19.74
N ILE A 172 22.06 38.47 20.23
CA ILE A 172 23.31 37.76 20.32
C ILE A 172 23.36 36.80 19.14
N ASP A 173 24.57 36.58 18.60
CA ASP A 173 24.74 35.69 17.46
C ASP A 173 25.38 34.40 17.92
N ILE A 174 24.84 33.26 17.47
CA ILE A 174 25.36 31.94 17.86
C ILE A 174 25.40 30.96 16.69
N VAL A 175 26.60 30.69 16.19
CA VAL A 175 26.75 29.80 15.07
C VAL A 175 27.39 28.50 15.48
N VAL A 176 26.72 27.40 15.18
CA VAL A 176 27.18 26.06 15.54
C VAL A 176 27.91 25.34 14.42
N LEU A 177 29.22 25.19 14.54
CA LEU A 177 29.97 24.51 13.48
C LEU A 177 29.57 23.07 13.65
N ALA A 178 29.63 22.29 12.57
CA ALA A 178 29.28 20.88 12.61
C ALA A 178 29.12 20.23 11.27
N PHE A 179 27.08 18.27 10.68
CA PHE A 179 26.83 17.50 9.48
C PHE A 179 25.33 17.63 9.15
N GLN A 180 25.02 17.38 7.89
CA GLN A 180 23.68 17.48 7.31
C GLN A 180 23.11 16.06 7.07
N LYS A 181 23.42 15.14 7.98
CA LYS A 181 22.95 13.75 7.85
C LYS A 181 23.32 12.95 9.10
N ALA A 182 22.46 12.00 9.47
CA ALA A 182 22.69 11.19 10.65
C ALA A 182 23.31 9.87 10.25
N SER A 183 22.48 8.99 9.70
CA SER A 183 22.93 7.68 9.25
C SER A 183 22.79 7.64 7.73
N SER A 184 23.90 7.73 7.03
CA SER A 184 23.80 7.67 5.60
C SER A 184 23.79 6.19 5.34
N ILE A 185 23.13 5.76 4.29
CA ILE A 185 23.11 4.35 4.01
C ILE A 185 23.16 4.10 2.50
N VAL A 186 23.99 3.15 2.09
CA VAL A 186 24.15 2.80 0.68
C VAL A 186 23.94 1.31 0.49
N TYR A 187 23.07 0.98 -0.45
CA TYR A 187 22.74 -0.38 -0.77
C TYR A 187 23.37 -0.66 -2.14
N LYS A 188 24.34 -1.56 -2.19
CA LYS A 188 24.99 -1.91 -3.45
C LYS A 188 25.14 -3.43 -3.56
N LYS A 189 25.76 -3.87 -4.65
CA LYS A 189 25.94 -5.30 -4.91
C LYS A 189 27.34 -5.67 -5.38
N GLU A 190 27.84 -6.80 -4.87
CA GLU A 190 29.15 -7.34 -5.20
C GLU A 190 29.65 -6.81 -6.53
N GLY A 191 30.35 -5.69 -6.50
CA GLY A 191 30.85 -5.11 -7.73
C GLY A 191 30.65 -3.62 -7.82
N GLU A 192 29.38 -3.17 -7.78
CA GLU A 192 29.03 -1.74 -7.86
C GLU A 192 29.97 -0.86 -7.05
N GLN A 193 30.59 0.06 -7.75
CA GLN A 193 31.53 1.02 -7.23
C GLN A 193 30.78 1.96 -6.28
N VAL A 194 31.04 1.79 -4.97
CA VAL A 194 30.39 2.57 -3.90
C VAL A 194 30.94 3.95 -3.69
N GLU A 195 30.04 4.86 -3.36
CA GLU A 195 30.40 6.23 -3.10
C GLU A 195 29.65 6.60 -1.80
N PHE A 196 30.21 7.55 -1.05
CA PHE A 196 29.64 8.04 0.21
C PHE A 196 29.79 9.55 0.20
N SER A 197 28.94 10.23 0.95
CA SER A 197 29.02 11.68 0.97
C SER A 197 28.41 12.28 2.21
N PHE A 198 29.21 13.12 2.86
CA PHE A 198 28.85 13.83 4.07
C PHE A 198 29.29 15.29 3.87
N PRO A 199 28.33 16.21 3.75
CA PRO A 199 28.54 17.65 3.56
C PRO A 199 28.49 18.47 4.86
N LEU A 200 28.96 19.71 4.81
CA LEU A 200 28.97 20.60 5.98
C LEU A 200 28.15 21.92 5.79
N ALA A 201 28.82 23.09 5.77
CA ALA A 201 28.20 24.42 5.52
C ALA A 201 29.28 25.51 5.40
N PHE A 202 30.13 25.39 4.37
CA PHE A 202 31.25 26.29 4.07
C PHE A 202 32.28 26.87 5.10
N THR A 203 32.09 27.82 5.97
CA THR A 203 33.18 28.28 6.87
C THR A 203 34.65 28.45 6.41
N VAL A 204 35.31 29.36 7.09
CA VAL A 204 36.74 29.66 6.90
C VAL A 204 37.20 29.52 8.36
N GLU A 205 38.44 29.96 8.64
CA GLU A 205 39.08 29.92 9.95
C GLU A 205 40.48 29.37 9.65
N LYS A 206 41.40 29.63 10.57
CA LYS A 206 42.77 29.20 10.43
C LYS A 206 42.97 27.69 10.59
N LEU A 207 44.22 27.36 10.94
CA LEU A 207 44.65 25.97 11.21
C LEU A 207 43.40 25.27 11.89
N THR A 208 42.53 24.61 11.09
CA THR A 208 41.31 24.05 11.70
C THR A 208 40.75 22.63 11.70
N GLY A 209 41.28 21.64 11.02
CA GLY A 209 40.56 20.37 11.14
C GLY A 209 41.07 19.07 10.58
N SER A 210 40.69 17.98 11.26
CA SER A 210 41.07 16.65 10.89
C SER A 210 40.50 15.61 11.83
N GLY A 211 40.20 14.46 11.26
CA GLY A 211 39.66 13.35 12.02
C GLY A 211 39.78 12.10 11.18
N GLU A 212 38.83 11.18 11.35
CA GLU A 212 38.86 9.95 10.60
C GLU A 212 37.57 9.17 10.73
N LEU A 213 37.43 8.19 9.85
CA LEU A 213 36.28 7.30 9.79
C LEU A 213 36.68 5.95 10.34
N TRP A 214 35.81 5.36 11.17
CA TRP A 214 36.05 4.04 11.79
C TRP A 214 35.01 3.10 11.23
N TRP A 215 35.39 1.84 11.01
CA TRP A 215 34.44 0.86 10.45
C TRP A 215 34.38 -0.47 11.20
N GLN A 216 33.15 -0.97 11.33
CA GLN A 216 32.93 -2.25 11.96
C GLN A 216 32.42 -3.13 10.84
N ALA A 217 33.34 -3.84 10.21
CA ALA A 217 32.98 -4.74 9.13
C ALA A 217 32.14 -5.87 9.74
N GLU A 218 31.20 -6.39 8.98
CA GLU A 218 30.34 -7.47 9.46
C GLU A 218 31.18 -8.73 9.68
N ARG A 219 31.05 -9.26 10.89
CA ARG A 219 31.79 -10.46 11.33
C ARG A 219 33.28 -10.21 11.50
N ALA A 220 33.92 -9.60 10.49
CA ALA A 220 35.34 -9.27 10.54
C ALA A 220 35.61 -8.22 11.63
N SER A 221 35.65 -8.73 12.87
CA SER A 221 35.91 -7.98 14.11
C SER A 221 37.25 -7.27 13.97
N SER A 222 37.95 -7.65 12.89
CA SER A 222 39.25 -7.14 12.47
C SER A 222 39.07 -5.62 12.29
N SER A 223 38.88 -4.94 13.43
CA SER A 223 38.66 -3.49 13.46
C SER A 223 39.98 -2.73 13.45
N LYS A 224 39.91 -1.44 13.77
CA LYS A 224 41.07 -0.56 13.75
C LYS A 224 41.29 -0.26 12.27
N SER A 225 40.33 -0.66 11.48
CA SER A 225 40.42 -0.45 10.06
C SER A 225 39.95 0.97 9.87
N TRP A 226 40.71 1.77 9.13
CA TRP A 226 40.28 3.14 8.86
C TRP A 226 41.01 3.94 7.78
N ILE A 227 40.71 5.24 7.77
CA ILE A 227 41.28 6.19 6.84
C ILE A 227 41.35 7.50 7.64
N THR A 228 42.50 8.19 7.59
CA THR A 228 42.66 9.44 8.33
C THR A 228 42.84 10.63 7.40
N PHE A 229 42.19 11.75 7.71
CA PHE A 229 42.27 12.95 6.88
C PHE A 229 42.40 14.31 7.62
N ASP A 230 43.18 15.20 7.00
CA ASP A 230 43.44 16.53 7.50
C ASP A 230 42.82 17.48 6.51
N LEU A 231 42.24 18.54 7.04
CA LEU A 231 41.55 19.54 6.23
C LEU A 231 42.07 20.95 6.56
N LYS A 232 41.97 21.85 5.59
CA LYS A 232 42.34 23.26 5.73
C LYS A 232 41.59 23.90 4.57
N ASN A 233 40.72 24.86 4.86
CA ASN A 233 39.92 25.54 3.82
C ASN A 233 39.39 24.54 2.81
N LYS A 234 39.14 24.95 1.57
CA LYS A 234 38.67 23.99 0.57
C LYS A 234 39.87 23.15 0.13
N GLU A 235 40.44 22.43 1.10
CA GLU A 235 41.56 21.54 0.89
C GLU A 235 41.41 20.44 1.94
N VAL A 236 41.48 19.21 1.44
CA VAL A 236 41.35 18.00 2.27
C VAL A 236 42.47 17.11 1.79
N SER A 237 42.93 16.22 2.66
CA SER A 237 44.01 15.35 2.29
C SER A 237 44.07 14.27 3.32
N VAL A 238 44.36 13.05 2.87
CA VAL A 238 44.47 11.90 3.75
C VAL A 238 45.75 12.05 4.51
N LYS A 239 45.61 12.05 5.82
CA LYS A 239 46.74 12.18 6.71
C LYS A 239 47.63 10.99 6.39
N ARG A 240 46.99 9.84 6.39
CA ARG A 240 47.67 8.60 6.15
C ARG A 240 46.60 7.59 6.48
N VAL A 241 47.01 6.32 6.47
CA VAL A 241 46.11 5.20 6.75
C VAL A 241 45.24 5.07 5.49
N THR A 242 44.43 4.02 5.45
CA THR A 242 43.50 3.64 4.37
C THR A 242 43.74 2.15 4.42
N GLN A 243 44.73 1.71 3.63
CA GLN A 243 45.12 0.31 3.58
C GLN A 243 43.87 -0.52 3.36
N ASP A 244 43.98 -1.82 3.61
CA ASP A 244 42.81 -2.71 3.54
C ASP A 244 42.20 -2.44 2.13
N PRO A 245 41.00 -1.80 2.01
CA PRO A 245 40.57 -1.59 0.62
C PRO A 245 41.20 -0.33 0.02
N LYS A 246 40.99 -0.17 -1.28
CA LYS A 246 41.52 0.96 -2.03
C LYS A 246 40.68 2.25 -1.88
N LEU A 247 40.20 2.58 -0.67
CA LEU A 247 39.37 3.79 -0.51
C LEU A 247 40.03 5.06 -0.96
N GLN A 248 39.44 5.75 -1.91
CA GLN A 248 40.04 6.99 -2.35
C GLN A 248 39.25 8.15 -1.84
N MET A 249 39.96 9.23 -1.60
CA MET A 249 39.32 10.42 -1.07
C MET A 249 39.60 11.63 -1.93
N GLY A 250 38.71 12.61 -1.84
CA GLY A 250 38.85 13.81 -2.64
C GLY A 250 39.80 14.88 -2.14
N LYS A 251 40.12 15.77 -3.05
CA LYS A 251 41.00 16.88 -2.78
C LYS A 251 40.09 18.03 -2.39
N LYS A 252 38.81 17.90 -2.72
CA LYS A 252 37.86 18.97 -2.50
C LYS A 252 36.87 18.83 -1.35
N LEU A 253 36.70 19.91 -0.61
CA LEU A 253 35.81 19.98 0.55
C LEU A 253 34.53 19.18 0.67
N PRO A 254 33.83 18.89 -0.43
CA PRO A 254 32.60 18.11 -0.30
C PRO A 254 32.81 16.60 -0.15
N LEU A 255 33.81 16.20 0.62
CA LEU A 255 34.17 14.79 0.91
C LEU A 255 33.42 13.62 0.22
N HIS A 256 34.16 12.77 -0.48
CA HIS A 256 33.56 11.62 -1.14
C HIS A 256 34.35 10.40 -0.77
N LEU A 257 33.90 9.68 0.24
CA LEU A 257 34.60 8.48 0.64
C LEU A 257 34.25 7.49 -0.46
N THR A 258 35.21 7.22 -1.34
CA THR A 258 34.97 6.29 -2.43
C THR A 258 35.43 4.86 -2.19
N LEU A 259 34.58 3.92 -2.57
CA LEU A 259 34.85 2.50 -2.41
C LEU A 259 34.90 1.92 -3.80
N PRO A 260 36.10 1.62 -4.34
CA PRO A 260 36.21 1.05 -5.68
C PRO A 260 35.12 -0.03 -5.90
N GLN A 261 35.33 -1.31 -5.73
CA GLN A 261 34.23 -2.23 -6.00
C GLN A 261 33.53 -2.70 -4.73
N ALA A 262 32.20 -2.66 -4.69
CA ALA A 262 31.46 -3.09 -3.51
C ALA A 262 31.62 -4.58 -3.27
N LEU A 263 32.74 -4.98 -2.69
CA LEU A 263 32.95 -6.38 -2.44
C LEU A 263 32.16 -6.67 -1.19
N PRO A 264 31.71 -7.91 -1.01
CA PRO A 264 30.91 -8.39 0.13
C PRO A 264 31.41 -8.14 1.57
N GLN A 265 32.72 -8.22 1.79
CA GLN A 265 33.29 -8.04 3.13
C GLN A 265 33.28 -6.62 3.63
N TYR A 266 32.99 -5.68 2.75
CA TYR A 266 32.97 -4.25 3.07
C TYR A 266 31.61 -3.75 3.54
N ALA A 267 30.87 -4.61 4.21
CA ALA A 267 29.56 -4.25 4.70
C ALA A 267 29.52 -4.10 6.21
N GLY A 268 28.88 -3.04 6.68
CA GLY A 268 28.79 -2.79 8.10
C GLY A 268 28.57 -1.32 8.44
N SER A 269 28.73 -1.00 9.72
CA SER A 269 28.55 0.37 10.22
C SER A 269 29.85 1.17 10.22
N GLY A 270 29.76 2.43 10.61
CA GLY A 270 30.93 3.28 10.62
C GLY A 270 30.58 4.65 11.12
N ASN A 271 31.53 5.27 11.79
CA ASN A 271 31.34 6.59 12.36
C ASN A 271 32.41 7.45 11.73
N LEU A 272 32.02 8.56 11.12
CA LEU A 272 32.97 9.49 10.53
C LEU A 272 33.02 10.64 11.52
N THR A 273 34.09 10.70 12.28
CA THR A 273 34.24 11.73 13.28
C THR A 273 35.10 12.88 12.73
N LEU A 274 34.51 14.06 12.78
CA LEU A 274 35.18 15.30 12.38
C LEU A 274 35.40 16.13 13.64
N ALA A 275 36.54 16.77 13.69
CA ALA A 275 36.90 17.61 14.83
C ALA A 275 37.86 18.70 14.40
N LEU A 276 37.37 19.92 14.47
CA LEU A 276 38.15 21.11 14.11
C LEU A 276 38.35 21.98 15.35
N GLU A 277 38.45 23.29 15.16
CA GLU A 277 38.69 24.12 16.32
C GLU A 277 38.61 25.62 16.14
N ALA A 278 39.31 26.12 17.14
CA ALA A 278 39.48 27.51 17.57
C ALA A 278 39.22 27.40 19.07
N LYS A 279 38.15 26.64 19.23
CA LYS A 279 37.55 26.18 20.49
C LYS A 279 36.78 24.92 20.09
N THR A 280 37.59 23.90 19.87
CA THR A 280 37.20 22.56 19.37
C THR A 280 35.82 22.06 19.82
N GLY A 281 35.69 20.81 19.44
CA GLY A 281 34.53 19.91 19.60
C GLY A 281 34.71 18.87 18.50
N LYS A 282 33.89 17.85 18.50
CA LYS A 282 34.01 16.81 17.46
C LYS A 282 32.63 16.37 16.97
N LEU A 283 32.48 16.52 15.67
CA LEU A 283 31.26 16.13 14.96
C LEU A 283 31.31 14.64 14.70
N HIS A 284 30.15 14.09 14.51
CA HIS A 284 30.01 12.68 14.18
C HIS A 284 28.85 12.57 13.23
N GLN A 285 28.88 11.52 12.43
CA GLN A 285 27.82 11.24 11.49
C GLN A 285 28.06 9.81 11.05
N GLU A 286 27.00 9.03 11.14
CA GLU A 286 27.03 7.61 10.86
C GLU A 286 27.14 7.20 9.40
N VAL A 287 27.74 6.04 9.14
CA VAL A 287 27.90 5.52 7.78
C VAL A 287 27.65 4.02 7.80
N ASN A 288 26.99 3.50 6.76
CA ASN A 288 26.66 2.07 6.65
C ASN A 288 26.65 1.55 5.19
N LEU A 289 27.13 0.32 5.01
CA LEU A 289 27.16 -0.30 3.67
C LEU A 289 26.68 -1.75 3.65
N VAL A 290 25.77 -2.03 2.72
CA VAL A 290 25.14 -3.33 2.50
C VAL A 290 25.55 -3.85 1.13
N VAL A 291 25.68 -5.16 0.99
CA VAL A 291 26.07 -5.76 -0.28
C VAL A 291 25.18 -6.96 -0.61
N MET A 292 24.89 -7.15 -1.89
CA MET A 292 24.08 -8.24 -2.38
C MET A 292 24.90 -9.02 -3.42
N ARG A 293 24.90 -10.35 -3.34
CA ARG A 293 25.66 -11.19 -4.27
C ARG A 293 24.83 -12.29 -4.95
N ALA A 294 24.37 -12.01 -6.15
CA ALA A 294 23.56 -12.97 -6.89
C ALA A 294 24.48 -13.85 -7.76
N THR A 295 24.66 -15.10 -7.34
CA THR A 295 25.53 -15.99 -8.09
C THR A 295 25.11 -17.49 -8.08
N GLN A 296 24.81 -18.01 -9.28
CA GLN A 296 24.40 -19.39 -9.50
C GLN A 296 25.62 -20.27 -9.25
N LEU A 297 25.45 -21.25 -8.36
CA LEU A 297 26.52 -22.19 -7.99
C LEU A 297 27.01 -22.88 -9.26
N GLN A 298 26.23 -23.87 -9.68
CA GLN A 298 26.49 -24.63 -10.89
C GLN A 298 25.15 -24.52 -11.60
N LYS A 299 24.51 -25.65 -11.89
CA LYS A 299 23.18 -25.63 -12.53
C LYS A 299 22.13 -25.11 -11.53
N ASN A 300 22.56 -24.87 -10.28
CA ASN A 300 21.69 -24.37 -9.22
C ASN A 300 22.26 -23.08 -8.64
N LEU A 301 21.38 -22.16 -8.24
CA LEU A 301 21.75 -20.83 -7.73
C LEU A 301 21.48 -20.42 -6.27
N THR A 302 21.91 -19.19 -5.97
CA THR A 302 21.80 -18.54 -4.67
C THR A 302 22.25 -17.04 -4.68
N CYS A 303 21.80 -16.30 -3.69
CA CYS A 303 22.17 -14.91 -3.59
C CYS A 303 22.08 -14.55 -2.13
N GLU A 304 22.86 -13.55 -1.71
CA GLU A 304 22.90 -13.12 -0.32
C GLU A 304 23.26 -11.65 -0.10
N VAL A 305 22.61 -11.06 0.88
CA VAL A 305 22.77 -9.65 1.26
C VAL A 305 23.51 -9.53 2.60
N TRP A 306 24.67 -8.90 2.56
CA TRP A 306 25.49 -8.73 3.73
C TRP A 306 25.38 -7.33 4.24
N GLY A 307 25.87 -7.12 5.45
CA GLY A 307 25.88 -5.80 6.07
C GLY A 307 24.78 -5.52 7.07
N PRO A 308 24.37 -4.25 7.19
CA PRO A 308 23.32 -3.81 8.10
C PRO A 308 21.94 -3.99 7.51
N THR A 309 21.43 -5.21 7.57
CA THR A 309 20.10 -5.47 7.06
C THR A 309 19.13 -5.45 8.24
N SER A 310 17.84 -5.23 7.98
CA SER A 310 16.85 -5.19 9.06
C SER A 310 16.13 -6.53 9.26
N PRO A 311 15.84 -6.90 10.51
CA PRO A 311 15.12 -8.17 10.74
C PRO A 311 13.64 -8.06 10.30
N LYS A 312 13.36 -6.96 9.61
CA LYS A 312 12.06 -6.63 9.07
C LYS A 312 12.04 -6.86 7.55
N LEU A 313 13.22 -6.89 6.93
CA LEU A 313 13.29 -7.05 5.48
C LEU A 313 13.03 -8.45 4.97
N MET A 314 12.96 -8.55 3.65
CA MET A 314 12.73 -9.80 2.96
C MET A 314 13.71 -9.87 1.79
N LEU A 315 13.91 -11.08 1.28
CA LEU A 315 14.77 -11.35 0.15
C LEU A 315 13.87 -12.21 -0.69
N SER A 316 14.08 -12.14 -1.98
CA SER A 316 13.29 -12.93 -2.88
C SER A 316 14.07 -13.18 -4.15
N LEU A 317 13.81 -14.32 -4.77
CA LEU A 317 14.46 -14.68 -6.01
C LEU A 317 13.40 -15.22 -6.94
N LYS A 318 13.30 -14.60 -8.10
CA LYS A 318 12.33 -14.98 -9.11
C LYS A 318 13.03 -14.75 -10.42
N LEU A 319 12.50 -15.37 -11.47
CA LEU A 319 13.04 -15.24 -12.80
C LEU A 319 12.40 -14.07 -13.57
N GLU A 320 11.80 -13.13 -12.83
CA GLU A 320 11.14 -11.97 -13.39
C GLU A 320 9.79 -12.28 -14.07
N ASN A 321 9.82 -13.20 -15.03
CA ASN A 321 8.61 -13.60 -15.76
C ASN A 321 7.44 -13.85 -14.83
N LYS A 322 7.59 -14.94 -14.08
CA LYS A 322 6.59 -15.40 -13.13
C LYS A 322 6.87 -14.82 -11.73
N GLU A 323 5.93 -15.00 -10.81
CA GLU A 323 6.06 -14.48 -9.45
C GLU A 323 6.98 -15.33 -8.57
N ALA A 324 7.19 -14.86 -7.33
CA ALA A 324 8.06 -15.49 -6.31
C ALA A 324 8.56 -16.92 -6.45
N LYS A 325 9.83 -17.06 -6.82
CA LYS A 325 10.40 -18.39 -6.95
C LYS A 325 10.79 -18.85 -5.54
N VAL A 326 10.98 -17.87 -4.66
CA VAL A 326 11.35 -18.09 -3.26
C VAL A 326 11.31 -16.75 -2.54
N SER A 327 10.47 -16.65 -1.52
CA SER A 327 10.37 -15.41 -0.78
C SER A 327 10.76 -15.76 0.67
N LYS A 328 11.42 -14.83 1.38
CA LYS A 328 11.87 -15.11 2.75
C LYS A 328 12.39 -13.88 3.50
N ARG A 329 12.65 -14.06 4.79
CA ARG A 329 13.15 -13.00 5.65
C ARG A 329 14.55 -13.34 6.19
N GLU A 330 15.57 -13.19 5.36
CA GLU A 330 16.94 -13.48 5.75
C GLU A 330 17.93 -13.01 4.70
N LYS A 331 19.22 -13.15 5.01
CA LYS A 331 20.27 -12.68 4.12
C LYS A 331 20.97 -13.66 3.23
N ALA A 332 20.60 -14.92 3.31
CA ALA A 332 21.23 -15.92 2.46
C ALA A 332 20.23 -16.98 2.03
N VAL A 333 19.44 -16.62 1.04
CA VAL A 333 18.43 -17.51 0.49
C VAL A 333 19.04 -18.28 -0.69
N TRP A 334 18.37 -19.35 -1.07
CA TRP A 334 18.80 -20.21 -2.15
C TRP A 334 17.63 -20.67 -3.04
N VAL A 335 17.91 -20.87 -4.31
CA VAL A 335 16.90 -21.34 -5.22
C VAL A 335 17.60 -22.44 -5.99
N LEU A 336 17.39 -23.68 -5.55
CA LEU A 336 17.94 -24.87 -6.18
C LEU A 336 17.07 -25.19 -7.40
N ASN A 337 17.73 -25.46 -8.53
CA ASN A 337 17.06 -25.77 -9.80
C ASN A 337 16.35 -24.56 -10.47
N PRO A 338 17.11 -23.68 -11.14
CA PRO A 338 16.40 -22.56 -11.77
C PRO A 338 16.02 -22.83 -13.24
N GLU A 339 15.17 -22.01 -13.85
CA GLU A 339 14.84 -22.17 -15.31
C GLU A 339 15.35 -20.90 -15.99
N ALA A 340 15.56 -20.98 -17.28
CA ALA A 340 16.02 -19.81 -18.01
C ALA A 340 15.14 -18.57 -17.83
N GLY A 341 15.82 -17.46 -17.57
CA GLY A 341 15.16 -16.17 -17.37
C GLY A 341 16.17 -15.28 -16.71
N MET A 342 16.08 -13.95 -16.89
CA MET A 342 17.04 -13.07 -16.23
C MET A 342 16.51 -12.76 -14.86
N TRP A 343 16.88 -13.64 -13.92
CA TRP A 343 16.53 -13.61 -12.51
C TRP A 343 16.88 -12.35 -11.74
N GLN A 344 16.00 -11.98 -10.81
CA GLN A 344 16.17 -10.80 -10.00
C GLN A 344 16.14 -11.16 -8.53
N CYS A 345 17.16 -10.72 -7.81
CA CYS A 345 17.28 -10.94 -6.38
C CYS A 345 16.72 -9.65 -5.79
N LEU A 346 15.87 -9.76 -4.76
CA LEU A 346 15.25 -8.59 -4.16
C LEU A 346 15.33 -8.48 -2.65
N LEU A 347 15.82 -7.34 -2.18
CA LEU A 347 15.96 -7.03 -0.76
C LEU A 347 15.05 -5.79 -0.57
N SER A 348 14.24 -5.77 0.48
CA SER A 348 13.32 -4.63 0.72
C SER A 348 13.03 -4.43 2.25
N ASP A 349 11.76 -4.26 2.61
CA ASP A 349 11.25 -4.06 3.97
C ASP A 349 9.91 -3.38 3.69
N SER A 350 8.85 -3.86 4.30
CA SER A 350 7.53 -3.25 4.07
C SER A 350 7.03 -3.47 2.62
N GLY A 351 7.67 -2.80 1.65
CA GLY A 351 7.27 -2.93 0.27
C GLY A 351 8.24 -2.39 -0.77
N GLN A 352 8.69 -1.14 -0.59
CA GLN A 352 9.60 -0.51 -1.56
C GLN A 352 10.91 -1.24 -1.66
N VAL A 353 11.23 -1.61 -2.90
CA VAL A 353 12.45 -2.35 -3.24
C VAL A 353 13.77 -1.68 -2.86
N LEU A 354 14.55 -2.39 -2.06
CA LEU A 354 15.83 -1.87 -1.67
C LEU A 354 16.89 -2.29 -2.68
N LEU A 355 17.36 -3.54 -2.58
CA LEU A 355 18.40 -4.05 -3.46
C LEU A 355 17.90 -4.94 -4.56
N GLU A 356 18.41 -4.72 -5.77
CA GLU A 356 17.97 -5.50 -6.93
C GLU A 356 19.20 -5.91 -7.73
N SER A 357 19.41 -7.20 -7.90
CA SER A 357 20.57 -7.70 -8.65
C SER A 357 20.19 -8.78 -9.64
N ASN A 358 20.28 -8.43 -10.91
CA ASN A 358 19.95 -9.35 -12.02
C ASN A 358 21.03 -10.38 -12.46
N ILE A 359 20.57 -11.52 -12.98
CA ILE A 359 21.46 -12.59 -13.36
C ILE A 359 20.67 -13.60 -14.21
N LYS A 360 21.26 -14.23 -15.23
CA LYS A 360 20.53 -15.22 -16.05
C LYS A 360 20.87 -16.72 -15.73
N VAL A 361 19.99 -17.60 -16.21
CA VAL A 361 20.09 -19.10 -16.08
C VAL A 361 20.23 -19.60 -17.53
N LEU A 362 20.92 -20.69 -17.77
CA LEU A 362 21.18 -21.22 -19.05
C LEU A 362 20.22 -22.20 -19.78
N PRO A 363 20.13 -23.49 -19.31
CA PRO A 363 19.21 -24.39 -20.07
C PRO A 363 17.74 -24.05 -20.23
N LYS B 1 -57.62 -31.01 6.79
CA LYS B 1 -57.24 -32.27 7.44
C LYS B 1 -55.84 -32.71 7.03
N LYS B 2 -55.63 -34.01 6.90
CA LYS B 2 -54.33 -34.54 6.53
C LYS B 2 -54.04 -34.15 5.07
N VAL B 3 -53.11 -33.21 4.90
CA VAL B 3 -52.74 -32.74 3.57
C VAL B 3 -51.28 -33.10 3.38
N VAL B 4 -51.04 -34.21 2.72
CA VAL B 4 -49.69 -34.68 2.50
C VAL B 4 -49.33 -34.46 1.04
N LEU B 5 -48.08 -34.07 0.79
CA LEU B 5 -47.66 -33.84 -0.57
C LEU B 5 -46.91 -35.06 -1.09
N GLY B 6 -46.74 -35.15 -2.41
CA GLY B 6 -46.03 -36.28 -3.00
C GLY B 6 -45.27 -35.88 -4.25
N LYS B 7 -44.33 -36.71 -4.68
CA LYS B 7 -43.55 -36.40 -5.87
C LYS B 7 -43.97 -37.34 -6.96
N LYS B 8 -43.97 -36.88 -8.21
CA LYS B 8 -44.38 -37.74 -9.32
C LYS B 8 -43.53 -39.00 -9.38
N GLY B 9 -44.18 -40.15 -9.57
CA GLY B 9 -43.50 -41.43 -9.69
C GLY B 9 -42.88 -41.90 -8.40
N ASP B 10 -42.74 -41.00 -7.44
CA ASP B 10 -42.16 -41.30 -6.14
C ASP B 10 -43.16 -42.24 -5.47
N THR B 11 -43.32 -42.11 -4.16
CA THR B 11 -44.28 -42.93 -3.44
C THR B 11 -44.61 -42.10 -2.23
N VAL B 12 -45.60 -42.51 -1.46
CA VAL B 12 -45.98 -41.78 -0.23
C VAL B 12 -46.71 -42.74 0.64
N GLU B 13 -46.75 -42.47 1.93
CA GLU B 13 -47.50 -43.36 2.79
C GLU B 13 -48.56 -42.62 3.55
N LEU B 14 -49.78 -43.12 3.47
CA LEU B 14 -50.89 -42.52 4.16
C LEU B 14 -51.08 -43.23 5.47
N THR B 15 -51.09 -42.47 6.53
CA THR B 15 -51.28 -43.03 7.81
C THR B 15 -52.71 -43.34 8.08
N CYS B 16 -52.90 -44.22 9.07
CA CYS B 16 -54.22 -44.67 9.46
C CYS B 16 -54.03 -45.67 10.55
N THR B 17 -54.53 -45.34 11.73
CA THR B 17 -54.47 -46.28 12.84
C THR B 17 -55.76 -46.04 13.60
N ALA B 18 -55.70 -46.03 14.94
CA ALA B 18 -56.86 -45.81 15.80
C ALA B 18 -56.48 -46.50 17.08
N SER B 19 -57.39 -46.51 18.05
CA SER B 19 -57.06 -47.21 19.28
C SER B 19 -57.31 -48.68 18.96
N GLN B 20 -57.70 -49.48 19.95
CA GLN B 20 -57.96 -50.92 19.76
C GLN B 20 -56.83 -51.75 19.16
N LYS B 21 -55.92 -51.10 18.44
CA LYS B 21 -54.73 -51.67 17.80
C LYS B 21 -54.66 -53.11 17.23
N LYS B 22 -55.75 -53.86 17.26
CA LYS B 22 -55.73 -55.23 16.76
C LYS B 22 -56.10 -55.28 15.28
N SER B 23 -55.74 -56.37 14.61
CA SER B 23 -56.08 -56.54 13.19
C SER B 23 -57.59 -56.46 12.99
N ILE B 24 -58.08 -55.29 12.60
CA ILE B 24 -59.51 -55.11 12.39
C ILE B 24 -59.81 -54.67 10.97
N GLN B 25 -61.08 -54.68 10.60
CA GLN B 25 -61.44 -54.28 9.24
C GLN B 25 -61.21 -52.79 9.02
N PHE B 26 -60.81 -52.45 7.81
CA PHE B 26 -60.55 -51.08 7.43
C PHE B 26 -60.71 -50.99 5.92
N HIS B 27 -60.90 -49.78 5.41
CA HIS B 27 -61.04 -49.55 3.97
C HIS B 27 -60.80 -48.11 3.51
N TRP B 28 -59.85 -47.98 2.60
CA TRP B 28 -59.45 -46.71 2.01
C TRP B 28 -60.26 -46.42 0.76
N LYS B 29 -61.06 -45.36 0.81
CA LYS B 29 -61.86 -44.98 -0.33
C LYS B 29 -61.56 -43.53 -0.62
N ASN B 30 -61.61 -43.13 -1.89
CA ASN B 30 -61.36 -41.73 -2.26
C ASN B 30 -62.66 -40.97 -2.17
N SER B 31 -62.62 -39.67 -2.33
CA SER B 31 -63.82 -38.87 -2.24
C SER B 31 -64.91 -39.39 -3.17
N ASN B 32 -64.55 -40.30 -4.05
CA ASN B 32 -65.53 -40.84 -4.96
C ASN B 32 -66.13 -42.10 -4.42
N GLN B 33 -65.93 -42.31 -3.12
CA GLN B 33 -66.45 -43.48 -2.45
C GLN B 33 -66.02 -44.78 -3.07
N ILE B 34 -64.90 -44.74 -3.76
CA ILE B 34 -64.38 -45.95 -4.39
C ILE B 34 -63.32 -46.55 -3.48
N LYS B 35 -63.39 -47.86 -3.31
CA LYS B 35 -62.49 -48.60 -2.42
C LYS B 35 -61.14 -48.91 -3.01
N ILE B 36 -60.15 -48.18 -2.56
CA ILE B 36 -58.78 -48.33 -3.00
C ILE B 36 -58.36 -49.76 -2.74
N LEU B 37 -58.31 -50.12 -1.47
CA LEU B 37 -57.92 -51.45 -1.09
C LEU B 37 -58.54 -51.68 0.28
N GLY B 38 -58.77 -52.92 0.64
CA GLY B 38 -59.37 -53.21 1.92
C GLY B 38 -58.83 -54.52 2.45
N ASN B 39 -59.43 -55.06 3.51
CA ASN B 39 -58.97 -56.32 4.08
C ASN B 39 -60.08 -57.31 4.40
N GLN B 40 -59.65 -58.54 4.70
CA GLN B 40 -60.52 -59.65 5.08
C GLN B 40 -59.52 -60.70 5.56
N GLY B 41 -59.04 -60.47 6.78
CA GLY B 41 -58.05 -61.35 7.40
C GLY B 41 -56.69 -60.92 6.86
N SER B 42 -55.80 -61.89 6.72
CA SER B 42 -54.49 -61.60 6.19
C SER B 42 -54.60 -61.27 4.71
N PHE B 43 -55.69 -61.71 4.09
CA PHE B 43 -55.92 -61.51 2.67
C PHE B 43 -56.18 -60.04 2.38
N LEU B 44 -55.20 -59.37 1.77
CA LEU B 44 -55.31 -57.96 1.40
C LEU B 44 -55.99 -57.82 0.06
N THR B 45 -56.89 -56.86 -0.02
CA THR B 45 -57.65 -56.63 -1.23
C THR B 45 -57.54 -55.17 -1.69
N LYS B 46 -57.91 -54.94 -2.95
CA LYS B 46 -57.85 -53.63 -3.62
C LYS B 46 -59.18 -53.38 -4.31
N GLY B 47 -59.31 -52.24 -4.98
CA GLY B 47 -60.54 -51.89 -5.69
C GLY B 47 -60.44 -51.70 -7.20
N PRO B 48 -61.58 -51.53 -7.88
CA PRO B 48 -61.67 -51.32 -9.31
C PRO B 48 -61.03 -49.99 -9.73
N SER B 49 -60.91 -49.08 -8.75
CA SER B 49 -60.34 -47.75 -8.94
C SER B 49 -59.08 -47.75 -9.78
N LYS B 50 -58.87 -46.66 -10.51
CA LYS B 50 -57.66 -46.53 -11.33
C LYS B 50 -56.39 -46.78 -10.51
N LEU B 51 -56.45 -46.47 -9.21
CA LEU B 51 -55.31 -46.63 -8.32
C LEU B 51 -54.89 -48.07 -8.15
N ASN B 52 -55.83 -48.99 -8.30
CA ASN B 52 -55.62 -50.42 -8.18
C ASN B 52 -54.20 -50.95 -7.84
N ASP B 53 -53.56 -51.60 -8.80
CA ASP B 53 -52.24 -52.22 -8.66
C ASP B 53 -51.05 -51.34 -8.41
N ARG B 54 -51.26 -50.21 -7.72
CA ARG B 54 -50.17 -49.32 -7.39
C ARG B 54 -50.34 -48.90 -5.95
N ALA B 55 -51.37 -49.43 -5.31
CA ALA B 55 -51.63 -49.13 -3.92
C ALA B 55 -51.28 -50.41 -3.18
N ASP B 56 -50.95 -50.28 -1.89
CA ASP B 56 -50.55 -51.42 -1.09
C ASP B 56 -50.62 -51.05 0.38
N SER B 57 -50.84 -52.02 1.24
CA SER B 57 -50.89 -51.77 2.66
C SER B 57 -49.96 -52.79 3.30
N ARG B 58 -49.32 -52.43 4.41
CA ARG B 58 -48.40 -53.35 5.06
C ARG B 58 -49.08 -54.29 6.05
N ARG B 59 -49.31 -55.53 5.65
CA ARG B 59 -49.97 -56.50 6.53
C ARG B 59 -49.29 -56.70 7.89
N SER B 60 -47.96 -56.66 7.93
CA SER B 60 -47.27 -56.81 9.18
C SER B 60 -47.74 -55.66 10.06
N LEU B 61 -47.51 -54.44 9.60
CA LEU B 61 -47.94 -53.29 10.36
C LEU B 61 -49.43 -53.28 10.64
N TRP B 62 -50.16 -54.25 10.10
CA TRP B 62 -51.61 -54.35 10.32
C TRP B 62 -51.89 -54.76 11.76
N ASP B 63 -51.16 -55.76 12.20
CA ASP B 63 -51.33 -56.26 13.55
C ASP B 63 -51.27 -55.19 14.64
N GLN B 64 -50.39 -54.20 14.43
CA GLN B 64 -50.17 -53.08 15.36
C GLN B 64 -51.08 -51.87 15.16
N GLY B 65 -52.25 -52.06 14.57
CA GLY B 65 -53.13 -50.93 14.38
C GLY B 65 -53.01 -50.20 13.07
N ASN B 66 -51.83 -50.15 12.47
CA ASN B 66 -51.76 -49.47 11.17
C ASN B 66 -52.40 -50.26 10.07
N PHE B 67 -53.10 -49.50 9.27
CA PHE B 67 -53.78 -50.00 8.11
C PHE B 67 -53.37 -48.91 7.10
N PRO B 68 -52.04 -48.79 6.84
CA PRO B 68 -51.40 -47.84 5.94
C PRO B 68 -51.69 -48.04 4.47
N LEU B 69 -51.61 -46.93 3.73
CA LEU B 69 -51.85 -46.90 2.28
C LEU B 69 -50.60 -46.45 1.54
N ILE B 70 -49.98 -47.36 0.79
CA ILE B 70 -48.77 -47.04 0.09
C ILE B 70 -49.12 -46.93 -1.37
N ILE B 71 -48.84 -45.77 -1.96
CA ILE B 71 -49.08 -45.54 -3.38
C ILE B 71 -47.71 -45.39 -4.01
N LYS B 72 -47.43 -46.30 -4.92
CA LYS B 72 -46.16 -46.32 -5.63
C LYS B 72 -46.32 -45.34 -6.79
N ASN B 73 -45.53 -45.53 -7.85
CA ASN B 73 -45.51 -44.71 -9.05
C ASN B 73 -46.62 -43.69 -9.12
N LEU B 74 -46.46 -42.65 -8.31
CA LEU B 74 -47.40 -41.55 -8.18
C LEU B 74 -47.83 -40.81 -9.43
N LYS B 75 -49.07 -41.06 -9.84
CA LYS B 75 -49.63 -40.39 -11.00
C LYS B 75 -50.13 -39.03 -10.51
N ILE B 76 -49.81 -37.99 -11.28
CA ILE B 76 -50.21 -36.63 -10.96
C ILE B 76 -51.68 -36.61 -10.60
N GLU B 77 -52.44 -37.40 -11.35
CA GLU B 77 -53.87 -37.53 -11.16
C GLU B 77 -54.27 -38.39 -9.96
N ASP B 78 -53.40 -38.46 -8.95
CA ASP B 78 -53.67 -39.21 -7.73
C ASP B 78 -54.13 -38.22 -6.67
N SER B 79 -53.91 -36.94 -6.94
CA SER B 79 -54.28 -35.87 -6.04
C SER B 79 -55.76 -35.92 -5.73
N ASP B 80 -56.09 -36.44 -4.56
CA ASP B 80 -57.48 -36.57 -4.12
C ASP B 80 -57.53 -36.56 -2.60
N THR B 81 -58.74 -36.65 -2.06
CA THR B 81 -58.99 -36.72 -0.65
C THR B 81 -59.44 -38.17 -0.42
N TYR B 82 -58.56 -38.97 0.18
CA TYR B 82 -58.85 -40.36 0.49
C TYR B 82 -59.37 -40.42 1.93
N ILE B 83 -60.12 -41.46 2.23
CA ILE B 83 -60.67 -41.60 3.57
C ILE B 83 -60.29 -42.98 4.03
N CYS B 84 -59.91 -43.11 5.29
CA CYS B 84 -59.63 -44.43 5.79
C CYS B 84 -60.69 -44.67 6.82
N GLU B 85 -61.71 -45.38 6.37
CA GLU B 85 -62.82 -45.73 7.23
C GLU B 85 -62.42 -46.98 8.03
N VAL B 86 -62.05 -46.74 9.28
CA VAL B 86 -61.63 -47.76 10.24
C VAL B 86 -62.75 -47.86 11.27
N GLU B 87 -62.70 -48.92 12.07
CA GLU B 87 -63.63 -49.27 13.14
C GLU B 87 -64.80 -48.46 13.73
N ASP B 88 -65.15 -47.27 13.19
CA ASP B 88 -66.27 -46.41 13.64
C ASP B 88 -65.87 -44.94 13.46
N GLN B 89 -65.02 -44.63 12.47
CA GLN B 89 -64.59 -43.25 12.29
C GLN B 89 -63.96 -43.03 10.92
N LYS B 90 -63.84 -41.77 10.51
CA LYS B 90 -63.27 -41.46 9.21
C LYS B 90 -62.09 -40.50 9.21
N GLU B 91 -61.07 -40.88 8.45
CA GLU B 91 -59.86 -40.05 8.31
C GLU B 91 -59.81 -39.44 6.88
N GLU B 92 -59.91 -38.12 6.78
CA GLU B 92 -59.84 -37.46 5.48
C GLU B 92 -58.39 -37.09 5.20
N VAL B 93 -57.88 -37.51 4.05
CA VAL B 93 -56.50 -37.19 3.68
C VAL B 93 -56.42 -36.75 2.24
N GLN B 94 -55.95 -35.53 2.00
CA GLN B 94 -55.81 -35.04 0.64
C GLN B 94 -54.32 -35.08 0.29
N LEU B 95 -54.01 -35.85 -0.75
CA LEU B 95 -52.65 -36.03 -1.25
C LEU B 95 -52.46 -35.14 -2.48
N LEU B 96 -51.68 -34.08 -2.37
CA LEU B 96 -51.45 -33.21 -3.51
C LEU B 96 -50.03 -33.42 -3.99
N VAL B 97 -49.89 -33.98 -5.17
CA VAL B 97 -48.56 -34.25 -5.72
C VAL B 97 -48.02 -32.99 -6.40
N PHE B 98 -46.79 -33.06 -6.93
CA PHE B 98 -46.15 -31.95 -7.63
C PHE B 98 -45.05 -32.53 -8.53
N GLY B 99 -44.51 -31.69 -9.42
CA GLY B 99 -43.46 -32.13 -10.32
C GLY B 99 -42.62 -31.03 -10.97
N LEU B 100 -41.54 -30.64 -10.29
CA LEU B 100 -40.65 -29.59 -10.77
C LEU B 100 -39.79 -30.13 -11.92
N THR B 101 -39.75 -29.41 -13.04
CA THR B 101 -38.98 -29.87 -14.19
C THR B 101 -38.34 -28.80 -15.09
N ALA B 102 -37.20 -29.15 -15.65
CA ALA B 102 -36.49 -28.26 -16.54
C ALA B 102 -36.70 -28.89 -17.90
N ASN B 103 -37.20 -28.13 -18.88
CA ASN B 103 -37.39 -28.67 -20.24
C ASN B 103 -36.16 -28.52 -21.11
N SER B 104 -35.45 -27.42 -20.92
CA SER B 104 -34.26 -27.07 -21.68
C SER B 104 -33.01 -27.99 -21.49
N ASP B 105 -33.21 -29.11 -20.80
CA ASP B 105 -32.22 -30.11 -20.46
C ASP B 105 -30.85 -30.31 -21.16
N THR B 106 -30.42 -31.59 -21.17
CA THR B 106 -29.13 -32.10 -21.71
C THR B 106 -28.06 -31.27 -22.46
N HIS B 107 -26.93 -31.20 -21.73
CA HIS B 107 -25.68 -30.51 -22.09
C HIS B 107 -25.90 -29.00 -22.08
N LEU B 108 -25.93 -28.39 -20.89
CA LEU B 108 -26.13 -26.96 -20.79
C LEU B 108 -24.81 -26.24 -20.63
N LEU B 109 -24.50 -25.39 -21.60
CA LEU B 109 -23.27 -24.60 -21.58
C LEU B 109 -23.72 -23.32 -20.97
N GLN B 110 -22.82 -22.35 -20.88
CA GLN B 110 -23.19 -21.06 -20.33
C GLN B 110 -24.17 -20.17 -21.06
N GLY B 111 -24.71 -19.24 -20.27
CA GLY B 111 -25.66 -18.27 -20.75
C GLY B 111 -27.02 -18.89 -20.98
N GLN B 112 -27.08 -19.84 -21.91
CA GLN B 112 -28.32 -20.51 -22.24
C GLN B 112 -29.18 -20.78 -21.01
N SER B 113 -30.16 -19.91 -20.87
CA SER B 113 -31.08 -19.93 -19.77
C SER B 113 -31.59 -21.30 -19.39
N LEU B 114 -31.97 -21.42 -18.13
CA LEU B 114 -32.52 -22.65 -17.56
C LEU B 114 -33.94 -22.30 -17.13
N THR B 115 -34.90 -23.15 -17.44
CA THR B 115 -36.29 -22.87 -17.08
C THR B 115 -36.86 -23.93 -16.16
N LEU B 116 -37.71 -23.51 -15.22
CA LEU B 116 -38.33 -24.46 -14.30
C LEU B 116 -39.83 -24.25 -14.23
N THR B 117 -40.56 -25.12 -14.93
CA THR B 117 -42.01 -25.10 -14.96
C THR B 117 -42.47 -26.18 -13.95
N LEU B 118 -43.68 -26.06 -13.42
CA LEU B 118 -44.16 -27.02 -12.43
C LEU B 118 -45.49 -27.75 -12.71
N GLU B 119 -45.61 -28.98 -12.24
CA GLU B 119 -46.83 -29.76 -12.40
C GLU B 119 -47.52 -29.74 -11.04
N SER B 120 -48.84 -29.61 -11.05
CA SER B 120 -49.59 -29.58 -9.80
C SER B 120 -51.06 -29.87 -10.02
N PRO B 121 -51.76 -30.34 -8.98
CA PRO B 121 -53.17 -30.64 -9.10
C PRO B 121 -53.85 -29.36 -9.55
N PRO B 122 -54.74 -29.50 -10.54
CA PRO B 122 -55.50 -28.42 -11.17
C PRO B 122 -55.76 -27.28 -10.24
N GLY B 123 -56.48 -27.62 -9.18
CA GLY B 123 -56.80 -26.63 -8.21
C GLY B 123 -55.97 -26.82 -6.97
N SER B 124 -54.93 -26.01 -6.86
CA SER B 124 -54.05 -25.94 -5.70
C SER B 124 -52.94 -25.03 -6.17
N SER B 125 -52.32 -24.26 -5.29
CA SER B 125 -51.26 -23.42 -5.80
C SER B 125 -49.93 -23.65 -5.14
N PRO B 126 -48.87 -23.67 -5.96
CA PRO B 126 -47.54 -23.84 -5.42
C PRO B 126 -46.80 -22.53 -5.49
N SER B 127 -45.55 -22.62 -5.09
CA SER B 127 -44.62 -21.50 -5.09
C SER B 127 -43.29 -22.22 -5.03
N VAL B 128 -42.32 -21.75 -5.79
CA VAL B 128 -41.06 -22.44 -5.75
C VAL B 128 -39.90 -21.50 -5.39
N GLN B 129 -39.09 -21.95 -4.44
CA GLN B 129 -37.92 -21.24 -3.95
C GLN B 129 -36.75 -22.09 -4.36
N CYS B 130 -36.18 -21.81 -5.51
CA CYS B 130 -35.07 -22.63 -5.92
C CYS B 130 -33.76 -22.18 -5.33
N ARG B 131 -33.30 -22.88 -4.29
CA ARG B 131 -32.03 -22.56 -3.65
C ARG B 131 -30.93 -23.09 -4.58
N SER B 132 -29.91 -22.27 -4.87
CA SER B 132 -28.80 -22.68 -5.74
C SER B 132 -27.77 -23.53 -4.99
N PRO B 133 -26.87 -24.18 -5.74
CA PRO B 133 -25.86 -25.00 -5.05
C PRO B 133 -24.95 -24.03 -4.31
N ARG B 134 -24.97 -22.78 -4.76
CA ARG B 134 -24.18 -21.74 -4.13
C ARG B 134 -24.94 -20.41 -4.20
N GLY B 135 -25.43 -19.99 -3.02
CA GLY B 135 -26.16 -18.74 -2.88
C GLY B 135 -27.55 -18.63 -3.52
N LYS B 136 -27.81 -17.45 -4.09
CA LYS B 136 -29.04 -17.10 -4.81
C LYS B 136 -30.33 -17.83 -4.45
N ASN B 137 -31.14 -17.27 -3.55
CA ASN B 137 -32.41 -17.91 -3.23
C ASN B 137 -33.45 -17.49 -4.27
N ILE B 138 -33.25 -17.95 -5.50
CA ILE B 138 -34.16 -17.63 -6.60
C ILE B 138 -35.50 -18.32 -6.41
N GLN B 139 -36.56 -17.52 -6.40
CA GLN B 139 -37.90 -18.04 -6.21
C GLN B 139 -38.79 -17.51 -7.30
N GLY B 140 -39.92 -18.16 -7.52
CA GLY B 140 -40.88 -17.75 -8.55
C GLY B 140 -42.27 -18.32 -8.37
N GLY B 141 -43.01 -18.43 -9.47
CA GLY B 141 -44.38 -18.93 -9.44
C GLY B 141 -44.51 -20.40 -9.84
N LYS B 142 -45.45 -20.69 -10.76
CA LYS B 142 -45.64 -22.05 -11.26
C LYS B 142 -44.52 -22.30 -12.24
N THR B 143 -43.68 -21.28 -12.37
CA THR B 143 -42.55 -21.29 -13.25
C THR B 143 -41.53 -20.25 -12.84
N LEU B 144 -40.26 -20.66 -12.86
CA LEU B 144 -39.15 -19.79 -12.54
C LEU B 144 -37.96 -20.35 -13.29
N SER B 145 -37.30 -19.49 -14.04
CA SER B 145 -36.16 -19.90 -14.84
C SER B 145 -34.94 -19.12 -14.41
N VAL B 146 -33.76 -19.77 -14.46
CA VAL B 146 -32.48 -19.13 -14.11
C VAL B 146 -31.99 -18.48 -15.39
N SER B 147 -31.72 -17.18 -15.33
CA SER B 147 -31.28 -16.40 -16.48
C SER B 147 -30.12 -17.00 -17.27
N GLN B 148 -28.94 -16.40 -17.24
CA GLN B 148 -27.80 -16.97 -17.94
C GLN B 148 -26.91 -17.68 -16.94
N LEU B 149 -26.80 -18.98 -17.07
CA LEU B 149 -26.00 -19.75 -16.13
C LEU B 149 -24.51 -19.41 -16.13
N GLU B 150 -23.99 -19.01 -14.97
CA GLU B 150 -22.57 -18.71 -14.80
C GLU B 150 -21.98 -19.84 -13.99
N LEU B 151 -20.87 -20.39 -14.50
CA LEU B 151 -20.13 -21.52 -13.90
C LEU B 151 -20.54 -22.00 -12.50
N GLN B 152 -20.26 -21.17 -11.49
CA GLN B 152 -20.51 -21.48 -10.07
C GLN B 152 -21.89 -22.05 -9.75
N ASP B 153 -22.83 -21.84 -10.67
CA ASP B 153 -24.19 -22.33 -10.52
C ASP B 153 -24.29 -23.75 -11.05
N SER B 154 -23.19 -24.46 -11.00
CA SER B 154 -23.14 -25.82 -11.47
C SER B 154 -23.35 -26.71 -10.26
N GLY B 155 -24.08 -27.82 -10.39
CA GLY B 155 -24.24 -28.71 -9.26
C GLY B 155 -25.59 -29.33 -8.97
N THR B 156 -26.06 -29.12 -7.75
CA THR B 156 -27.31 -29.68 -7.37
C THR B 156 -28.03 -28.54 -6.70
N TRP B 157 -29.18 -28.19 -7.25
CA TRP B 157 -30.00 -27.14 -6.67
C TRP B 157 -30.92 -27.82 -5.64
N THR B 158 -31.85 -27.05 -5.08
CA THR B 158 -32.81 -27.58 -4.11
C THR B 158 -34.07 -26.72 -4.04
N CYS B 159 -34.88 -26.82 -5.08
CA CYS B 159 -36.10 -26.03 -5.17
C CYS B 159 -37.10 -26.60 -4.21
N THR B 160 -37.96 -25.73 -3.69
CA THR B 160 -38.99 -26.16 -2.77
C THR B 160 -40.38 -25.74 -3.25
N VAL B 161 -41.27 -26.71 -3.38
CA VAL B 161 -42.65 -26.44 -3.80
C VAL B 161 -43.50 -26.20 -2.56
N LEU B 162 -43.71 -24.93 -2.25
CA LEU B 162 -44.51 -24.55 -1.11
C LEU B 162 -45.96 -24.47 -1.51
N GLN B 163 -46.78 -25.14 -0.72
CA GLN B 163 -48.23 -25.17 -0.88
C GLN B 163 -48.76 -25.52 0.50
N ASN B 164 -49.65 -24.68 1.04
CA ASN B 164 -50.23 -24.96 2.35
C ASN B 164 -49.13 -24.78 3.40
N GLN B 165 -49.39 -25.25 4.62
CA GLN B 165 -48.42 -25.17 5.70
C GLN B 165 -47.42 -26.32 5.55
N LYS B 166 -47.52 -26.97 4.39
CA LYS B 166 -46.69 -28.09 4.01
C LYS B 166 -45.84 -27.55 2.85
N LYS B 167 -44.78 -28.27 2.51
CA LYS B 167 -43.87 -27.90 1.42
C LYS B 167 -43.10 -29.16 1.00
N VAL B 168 -42.81 -29.26 -0.29
CA VAL B 168 -42.08 -30.39 -0.82
C VAL B 168 -40.84 -29.90 -1.58
N GLU B 169 -39.70 -30.38 -1.11
CA GLU B 169 -38.39 -30.05 -1.65
C GLU B 169 -38.18 -30.84 -2.95
N PHE B 170 -37.31 -30.34 -3.83
CA PHE B 170 -36.99 -31.00 -5.09
C PHE B 170 -35.49 -30.87 -5.39
N LYS B 171 -34.85 -31.99 -5.77
CA LYS B 171 -33.42 -31.97 -6.07
C LYS B 171 -33.12 -32.11 -7.57
N ILE B 172 -32.95 -30.98 -8.23
CA ILE B 172 -32.69 -30.97 -9.65
C ILE B 172 -31.19 -30.70 -9.83
N ASP B 173 -30.58 -31.35 -10.82
CA ASP B 173 -29.15 -31.21 -11.12
C ASP B 173 -28.86 -30.31 -12.32
N ILE B 174 -28.01 -29.30 -12.13
CA ILE B 174 -27.71 -28.37 -13.21
C ILE B 174 -26.22 -28.09 -13.30
N VAL B 175 -25.58 -28.65 -14.31
CA VAL B 175 -24.15 -28.45 -14.53
C VAL B 175 -23.93 -27.59 -15.79
N VAL B 176 -23.21 -26.49 -15.61
CA VAL B 176 -22.95 -25.55 -16.67
C VAL B 176 -21.60 -25.84 -17.31
N LEU B 177 -21.59 -26.19 -18.59
CA LEU B 177 -20.32 -26.42 -19.26
C LEU B 177 -19.78 -25.03 -19.56
N ALA B 178 -18.46 -24.93 -19.54
CA ALA B 178 -17.80 -23.67 -19.80
C ALA B 178 -16.32 -23.84 -19.49
N PHE B 179 -18.94 -24.51 -19.84
CA PHE B 179 -17.53 -24.43 -19.56
C PHE B 179 -17.31 -24.02 -18.10
N GLN B 180 -16.06 -24.22 -17.68
CA GLN B 180 -15.56 -23.93 -16.33
C GLN B 180 -14.80 -22.57 -16.37
N LYS B 181 -15.28 -21.62 -17.18
CA LYS B 181 -14.61 -20.32 -17.27
C LYS B 181 -15.35 -19.39 -18.20
N ALA B 182 -15.29 -18.09 -17.92
CA ALA B 182 -16.00 -17.09 -18.73
C ALA B 182 -15.07 -16.40 -19.70
N SER B 183 -14.18 -15.57 -19.18
CA SER B 183 -13.22 -14.89 -20.01
C SER B 183 -11.85 -15.35 -19.52
N SER B 184 -11.20 -16.18 -20.33
CA SER B 184 -9.87 -16.65 -19.99
C SER B 184 -8.99 -15.54 -20.55
N ILE B 185 -7.87 -15.27 -19.90
CA ILE B 185 -6.99 -14.24 -20.40
C ILE B 185 -5.52 -14.63 -20.15
N VAL B 186 -4.70 -14.43 -21.16
CA VAL B 186 -3.28 -14.76 -21.07
C VAL B 186 -2.44 -13.53 -21.42
N TYR B 187 -1.48 -13.24 -20.55
CA TYR B 187 -0.58 -12.11 -20.73
C TYR B 187 0.79 -12.66 -21.08
N LYS B 188 1.27 -12.42 -22.30
CA LYS B 188 2.59 -12.90 -22.67
C LYS B 188 3.31 -11.82 -23.43
N LYS B 189 4.49 -12.13 -23.92
CA LYS B 189 5.28 -11.15 -24.64
C LYS B 189 5.90 -11.71 -25.90
N GLU B 190 6.02 -10.83 -26.90
CA GLU B 190 6.61 -11.14 -28.20
C GLU B 190 7.60 -12.29 -28.09
N GLY B 191 7.09 -13.51 -28.25
CA GLY B 191 7.96 -14.66 -28.17
C GLY B 191 7.46 -15.82 -27.32
N GLU B 192 7.15 -15.53 -26.07
CA GLU B 192 6.65 -16.56 -25.16
C GLU B 192 5.57 -17.46 -25.83
N GLN B 193 5.79 -18.78 -25.92
CA GLN B 193 4.74 -19.61 -26.53
C GLN B 193 3.51 -19.67 -25.66
N VAL B 194 2.43 -19.16 -26.23
CA VAL B 194 1.15 -19.09 -25.56
C VAL B 194 0.41 -20.39 -25.58
N GLU B 195 -0.34 -20.60 -24.52
CA GLU B 195 -1.14 -21.79 -24.37
C GLU B 195 -2.51 -21.25 -23.89
N PHE B 196 -3.55 -22.05 -24.03
CA PHE B 196 -4.89 -21.67 -23.58
C PHE B 196 -5.51 -22.96 -23.09
N SER B 197 -6.56 -22.87 -22.30
CA SER B 197 -7.21 -24.09 -21.81
C SER B 197 -8.63 -23.83 -21.34
N PHE B 198 -9.55 -24.62 -21.89
CA PHE B 198 -10.97 -24.55 -21.57
C PHE B 198 -11.46 -25.98 -21.34
N PRO B 199 -11.70 -26.34 -20.07
CA PRO B 199 -12.17 -27.66 -19.64
C PRO B 199 -13.72 -27.82 -19.60
N LEU B 200 -14.21 -29.04 -19.49
CA LEU B 200 -15.65 -29.30 -19.44
C LEU B 200 -16.07 -30.01 -18.12
N ALA B 201 -16.55 -31.26 -18.22
CA ALA B 201 -16.96 -32.13 -17.09
C ALA B 201 -17.26 -33.59 -17.58
N PHE B 202 -16.30 -34.19 -18.28
CA PHE B 202 -16.35 -35.58 -18.81
C PHE B 202 -17.77 -36.13 -19.14
N THR B 203 -18.25 -36.32 -20.35
CA THR B 203 -19.57 -36.91 -20.46
C THR B 203 -19.35 -38.00 -21.47
N VAL B 204 -20.36 -38.85 -21.69
CA VAL B 204 -20.27 -39.86 -22.73
C VAL B 204 -21.41 -39.41 -23.62
N GLU B 205 -21.92 -40.25 -24.52
CA GLU B 205 -23.01 -39.98 -25.46
C GLU B 205 -22.49 -40.36 -26.85
N LYS B 206 -23.41 -40.59 -27.78
CA LYS B 206 -23.01 -40.97 -29.12
C LYS B 206 -22.27 -39.87 -29.90
N LEU B 207 -22.54 -39.96 -31.20
CA LEU B 207 -22.01 -39.07 -32.21
C LEU B 207 -22.36 -37.66 -31.62
N THR B 208 -21.42 -37.04 -30.89
CA THR B 208 -21.72 -35.76 -30.21
C THR B 208 -21.06 -34.36 -30.23
N GLY B 209 -20.03 -34.05 -31.01
CA GLY B 209 -19.52 -32.69 -30.85
C GLY B 209 -18.52 -32.04 -31.78
N SER B 210 -18.71 -30.74 -31.98
CA SER B 210 -17.84 -29.95 -32.83
C SER B 210 -18.28 -28.48 -32.97
N GLY B 211 -17.29 -27.60 -33.00
CA GLY B 211 -17.53 -26.19 -33.14
C GLY B 211 -16.23 -25.56 -33.60
N GLU B 212 -15.97 -24.32 -33.18
CA GLU B 212 -14.76 -23.62 -33.56
C GLU B 212 -14.56 -22.34 -32.79
N LEU B 213 -13.33 -21.82 -32.86
CA LEU B 213 -12.94 -20.60 -32.16
C LEU B 213 -12.82 -19.49 -33.17
N TRP B 214 -13.35 -18.32 -32.83
CA TRP B 214 -13.35 -17.15 -33.69
C TRP B 214 -12.43 -16.12 -33.04
N TRP B 215 -11.66 -15.37 -33.83
CA TRP B 215 -10.75 -14.36 -33.26
C TRP B 215 -10.81 -13.01 -33.94
N GLN B 216 -10.79 -11.96 -33.11
CA GLN B 216 -10.79 -10.57 -33.58
C GLN B 216 -9.44 -10.04 -33.20
N ALA B 217 -8.52 -10.15 -34.15
CA ALA B 217 -7.18 -9.67 -33.94
C ALA B 217 -7.25 -8.15 -33.82
N GLU B 218 -6.40 -7.59 -32.97
CA GLU B 218 -6.36 -6.16 -32.76
C GLU B 218 -5.99 -5.47 -34.08
N ARG B 219 -6.85 -4.52 -34.45
CA ARG B 219 -6.69 -3.73 -35.69
C ARG B 219 -6.90 -4.56 -36.93
N ALA B 220 -6.21 -5.68 -37.02
CA ALA B 220 -6.36 -6.55 -38.18
C ALA B 220 -7.80 -7.07 -38.23
N SER B 221 -8.66 -6.23 -38.80
CA SER B 221 -10.08 -6.50 -39.00
C SER B 221 -10.19 -7.77 -39.86
N SER B 222 -9.02 -8.24 -40.31
CA SER B 222 -8.85 -9.45 -41.13
C SER B 222 -9.43 -10.64 -40.33
N SER B 223 -10.75 -10.62 -40.17
CA SER B 223 -11.42 -11.66 -39.41
C SER B 223 -11.69 -12.87 -40.28
N LYS B 224 -12.55 -13.76 -39.81
CA LYS B 224 -12.85 -15.02 -40.50
C LYS B 224 -11.67 -15.94 -40.21
N SER B 225 -10.81 -15.48 -39.32
CA SER B 225 -9.63 -16.23 -38.98
C SER B 225 -10.14 -17.24 -37.98
N TRP B 226 -9.74 -18.50 -38.11
CA TRP B 226 -10.12 -19.52 -37.14
C TRP B 226 -9.51 -20.89 -37.24
N ILE B 227 -10.06 -21.80 -36.45
CA ILE B 227 -9.64 -23.18 -36.36
C ILE B 227 -10.91 -23.95 -36.04
N THR B 228 -11.16 -25.05 -36.75
CA THR B 228 -12.36 -25.83 -36.53
C THR B 228 -12.01 -27.21 -36.00
N PHE B 229 -12.82 -27.71 -35.06
CA PHE B 229 -12.58 -29.01 -34.46
C PHE B 229 -13.81 -29.91 -34.18
N ASP B 230 -13.61 -31.20 -34.43
CA ASP B 230 -14.62 -32.24 -34.26
C ASP B 230 -14.15 -33.07 -33.07
N LEU B 231 -15.11 -33.45 -32.22
CA LEU B 231 -14.86 -34.23 -31.01
C LEU B 231 -15.76 -35.45 -30.95
N LYS B 232 -15.27 -36.51 -30.32
CA LYS B 232 -16.02 -37.75 -30.09
C LYS B 232 -15.33 -38.35 -28.89
N ASN B 233 -16.06 -38.60 -27.80
CA ASN B 233 -15.47 -39.17 -26.58
C ASN B 233 -14.15 -38.48 -26.26
N LYS B 234 -13.24 -39.19 -25.63
CA LYS B 234 -11.96 -38.60 -25.33
C LYS B 234 -11.15 -38.62 -26.61
N GLU B 235 -11.68 -37.94 -27.62
CA GLU B 235 -11.02 -37.82 -28.92
C GLU B 235 -11.46 -36.48 -29.48
N VAL B 236 -10.46 -35.74 -29.88
CA VAL B 236 -10.58 -34.41 -30.45
C VAL B 236 -9.70 -34.39 -31.70
N SER B 237 -10.02 -33.50 -32.61
CA SER B 237 -9.26 -33.43 -33.83
C SER B 237 -9.81 -32.29 -34.64
N VAL B 238 -8.91 -31.57 -35.28
CA VAL B 238 -9.26 -30.41 -36.09
C VAL B 238 -9.96 -30.87 -37.34
N LYS B 239 -11.15 -30.30 -37.55
CA LYS B 239 -11.99 -30.59 -38.71
C LYS B 239 -11.15 -30.18 -39.87
N ARG B 240 -10.61 -28.97 -39.76
CA ARG B 240 -9.79 -28.35 -40.78
C ARG B 240 -9.62 -26.90 -40.35
N VAL B 241 -9.09 -26.10 -41.25
CA VAL B 241 -8.87 -24.71 -40.99
C VAL B 241 -7.68 -24.65 -39.99
N THR B 242 -7.30 -23.44 -39.59
CA THR B 242 -6.19 -23.10 -38.70
C THR B 242 -5.52 -21.97 -39.49
N GLN B 243 -4.59 -22.38 -40.34
CA GLN B 243 -3.83 -21.49 -41.22
C GLN B 243 -3.44 -20.25 -40.44
N ASP B 244 -3.06 -19.17 -41.12
CA ASP B 244 -2.69 -17.93 -40.44
C ASP B 244 -1.55 -18.35 -39.47
N PRO B 245 -1.75 -18.39 -38.12
CA PRO B 245 -0.58 -18.87 -37.35
C PRO B 245 -0.56 -20.42 -37.29
N LYS B 246 0.50 -20.97 -36.72
CA LYS B 246 0.65 -22.41 -36.61
C LYS B 246 -0.06 -22.99 -35.38
N LEU B 247 -1.28 -22.55 -35.07
CA LEU B 247 -1.96 -23.05 -33.86
C LEU B 247 -2.13 -24.55 -33.83
N GLN B 248 -1.60 -25.19 -32.77
CA GLN B 248 -1.72 -26.63 -32.61
C GLN B 248 -2.76 -27.03 -31.58
N MET B 249 -3.48 -28.11 -31.86
CA MET B 249 -4.54 -28.58 -31.00
C MET B 249 -4.22 -30.02 -30.59
N GLY B 250 -4.71 -30.39 -29.41
CA GLY B 250 -4.47 -31.72 -28.87
C GLY B 250 -5.40 -32.83 -29.34
N LYS B 251 -4.98 -34.03 -29.01
CA LYS B 251 -5.73 -35.23 -29.36
C LYS B 251 -6.61 -35.57 -28.18
N LYS B 252 -6.31 -34.98 -27.03
CA LYS B 252 -7.03 -35.34 -25.84
C LYS B 252 -8.02 -34.30 -25.33
N LEU B 253 -9.16 -34.80 -24.88
CA LEU B 253 -10.29 -34.01 -24.36
C LEU B 253 -10.09 -32.72 -23.55
N PRO B 254 -8.94 -32.56 -22.88
CA PRO B 254 -8.78 -31.30 -22.13
C PRO B 254 -8.18 -30.18 -22.99
N LEU B 255 -8.73 -29.99 -24.19
CA LEU B 255 -8.34 -28.98 -25.16
C LEU B 255 -7.26 -27.97 -24.74
N HIS B 256 -6.22 -27.85 -25.58
CA HIS B 256 -5.13 -26.90 -25.36
C HIS B 256 -4.88 -26.15 -26.64
N LEU B 257 -5.52 -25.01 -26.80
CA LEU B 257 -5.33 -24.25 -28.03
C LEU B 257 -3.91 -23.70 -27.88
N THR B 258 -2.96 -24.25 -28.62
CA THR B 258 -1.59 -23.77 -28.50
C THR B 258 -1.14 -22.74 -29.53
N LEU B 259 -0.41 -21.74 -29.05
CA LEU B 259 0.07 -20.67 -29.91
C LEU B 259 1.59 -20.70 -29.84
N PRO B 260 2.26 -21.33 -30.83
CA PRO B 260 3.74 -21.36 -30.80
C PRO B 260 4.13 -19.84 -30.82
N GLN B 261 5.13 -19.34 -30.11
CA GLN B 261 5.47 -17.89 -30.15
C GLN B 261 4.41 -16.76 -30.20
N ALA B 262 4.25 -16.11 -29.06
CA ALA B 262 3.33 -15.01 -28.93
C ALA B 262 3.84 -13.85 -29.76
N LEU B 263 3.43 -13.78 -31.01
CA LEU B 263 3.84 -12.68 -31.86
C LEU B 263 2.83 -11.56 -31.64
N PRO B 264 3.26 -10.30 -31.73
CA PRO B 264 2.44 -9.11 -31.52
C PRO B 264 1.07 -9.02 -32.17
N GLN B 265 0.94 -9.51 -33.40
CA GLN B 265 -0.33 -9.44 -34.11
C GLN B 265 -1.41 -10.40 -33.63
N TYR B 266 -1.03 -11.34 -32.77
CA TYR B 266 -1.94 -12.33 -32.25
C TYR B 266 -2.68 -11.89 -31.01
N ALA B 267 -2.89 -10.59 -30.86
CA ALA B 267 -3.57 -10.15 -29.67
C ALA B 267 -4.97 -9.67 -29.94
N GLY B 268 -5.88 -10.03 -29.03
CA GLY B 268 -7.28 -9.64 -29.15
C GLY B 268 -8.25 -10.56 -28.41
N SER B 269 -9.52 -10.46 -28.78
CA SER B 269 -10.56 -11.28 -28.19
C SER B 269 -10.86 -12.52 -29.04
N GLY B 270 -11.76 -13.35 -28.54
CA GLY B 270 -12.12 -14.56 -29.24
C GLY B 270 -13.22 -15.30 -28.51
N ASN B 271 -14.04 -16.01 -29.25
CA ASN B 271 -15.13 -16.77 -28.67
C ASN B 271 -14.85 -18.20 -29.07
N LEU B 272 -14.90 -19.14 -28.13
CA LEU B 272 -14.70 -20.55 -28.44
C LEU B 272 -16.08 -21.17 -28.27
N THR B 273 -16.76 -21.40 -29.41
CA THR B 273 -18.11 -21.93 -29.36
C THR B 273 -18.09 -23.45 -29.51
N LEU B 274 -18.67 -24.10 -28.54
CA LEU B 274 -18.83 -25.55 -28.53
C LEU B 274 -20.32 -25.85 -28.70
N ALA B 275 -20.60 -26.88 -29.45
CA ALA B 275 -21.98 -27.29 -29.70
C ALA B 275 -22.03 -28.78 -30.01
N LEU B 276 -22.65 -29.51 -29.10
CA LEU B 276 -22.82 -30.96 -29.22
C LEU B 276 -24.30 -31.29 -29.33
N GLU B 277 -24.71 -32.45 -28.84
CA GLU B 277 -26.11 -32.79 -29.01
C GLU B 277 -26.62 -34.03 -28.28
N ALA B 278 -27.70 -34.39 -28.94
CA ALA B 278 -28.69 -35.42 -28.63
C ALA B 278 -30.00 -34.66 -28.79
N LYS B 279 -29.86 -33.48 -28.20
CA LYS B 279 -30.79 -32.36 -28.16
C LYS B 279 -29.92 -31.13 -27.88
N THR B 280 -29.24 -30.78 -28.96
CA THR B 280 -28.22 -29.72 -29.04
C THR B 280 -28.46 -28.50 -28.13
N GLY B 281 -27.57 -27.57 -28.43
CA GLY B 281 -27.36 -26.26 -27.81
C GLY B 281 -25.90 -25.91 -28.13
N LYS B 282 -25.49 -24.72 -27.81
CA LYS B 282 -24.11 -24.33 -28.10
C LYS B 282 -23.52 -23.51 -26.94
N LEU B 283 -22.45 -24.03 -26.43
CA LEU B 283 -21.72 -23.42 -25.34
C LEU B 283 -20.83 -22.34 -25.92
N HIS B 284 -20.39 -21.46 -25.05
CA HIS B 284 -19.51 -20.37 -25.43
C HIS B 284 -18.58 -20.18 -24.24
N GLN B 285 -17.41 -19.64 -24.52
CA GLN B 285 -16.38 -19.40 -23.52
C GLN B 285 -15.50 -18.38 -24.19
N GLU B 286 -15.26 -17.25 -23.55
CA GLU B 286 -14.43 -16.18 -24.08
C GLU B 286 -12.93 -16.46 -24.01
N VAL B 287 -12.17 -15.90 -24.95
CA VAL B 287 -10.71 -16.05 -25.00
C VAL B 287 -10.06 -14.72 -25.41
N ASN B 288 -8.96 -14.35 -24.74
CA ASN B 288 -8.23 -13.09 -25.01
C ASN B 288 -6.71 -13.20 -24.88
N LEU B 289 -5.98 -12.52 -25.75
CA LEU B 289 -4.52 -12.53 -25.71
C LEU B 289 -3.85 -11.15 -25.89
N VAL B 290 -2.95 -10.80 -24.94
CA VAL B 290 -2.21 -9.54 -24.92
C VAL B 290 -0.74 -9.86 -25.12
N VAL B 291 0.00 -8.94 -25.71
CA VAL B 291 1.42 -9.16 -25.93
C VAL B 291 2.20 -7.91 -25.57
N MET B 292 3.42 -8.11 -25.12
CA MET B 292 4.32 -7.02 -24.74
C MET B 292 5.62 -7.14 -25.54
N ARG B 293 6.10 -6.03 -26.12
CA ARG B 293 7.33 -6.05 -26.92
C ARG B 293 8.39 -5.02 -26.48
N ALA B 294 9.37 -5.48 -25.72
CA ALA B 294 10.44 -4.63 -25.22
C ALA B 294 11.64 -4.67 -26.15
N THR B 295 11.82 -3.59 -26.90
CA THR B 295 12.94 -3.54 -27.83
C THR B 295 13.54 -2.14 -28.00
N GLN B 296 14.84 -2.04 -27.67
CA GLN B 296 15.61 -0.81 -27.79
C GLN B 296 15.81 -0.57 -29.30
N LEU B 297 15.48 0.63 -29.78
CA LEU B 297 15.61 0.99 -31.20
C LEU B 297 17.07 0.87 -31.63
N GLN B 298 17.85 1.85 -31.21
CA GLN B 298 19.28 1.90 -31.48
C GLN B 298 19.77 2.20 -30.08
N LYS B 299 20.53 3.27 -29.92
CA LYS B 299 21.02 3.63 -28.59
C LYS B 299 19.85 4.08 -27.74
N ASN B 300 18.65 4.11 -28.32
CA ASN B 300 17.45 4.53 -27.60
C ASN B 300 16.38 3.45 -27.68
N LEU B 301 15.58 3.31 -26.60
CA LEU B 301 14.55 2.26 -26.46
C LEU B 301 13.06 2.60 -26.37
N THR B 302 12.27 1.52 -26.30
CA THR B 302 10.82 1.57 -26.24
C THR B 302 10.25 0.15 -25.98
N CYS B 303 8.99 0.09 -25.58
CA CYS B 303 8.33 -1.18 -25.35
C CYS B 303 6.84 -0.93 -25.51
N GLU B 304 6.09 -1.95 -25.93
CA GLU B 304 4.65 -1.80 -26.13
C GLU B 304 3.79 -3.02 -25.89
N VAL B 305 2.59 -2.77 -25.37
CA VAL B 305 1.64 -3.80 -25.05
C VAL B 305 0.45 -3.78 -25.99
N TRP B 306 0.23 -4.89 -26.66
CA TRP B 306 -0.86 -5.05 -27.60
C TRP B 306 -1.97 -5.94 -27.05
N GLY B 307 -3.13 -5.85 -27.70
CA GLY B 307 -4.30 -6.65 -27.32
C GLY B 307 -5.37 -5.98 -26.47
N PRO B 308 -6.03 -6.77 -25.63
CA PRO B 308 -7.10 -6.32 -24.72
C PRO B 308 -6.59 -5.73 -23.40
N THR B 309 -6.09 -4.51 -23.48
CA THR B 309 -5.58 -3.83 -22.32
C THR B 309 -6.68 -2.95 -21.76
N SER B 310 -6.58 -2.61 -20.49
CA SER B 310 -7.58 -1.74 -19.85
C SER B 310 -7.15 -0.27 -19.78
N PRO B 311 -8.09 0.66 -19.99
CA PRO B 311 -7.75 2.08 -19.93
C PRO B 311 -7.46 2.51 -18.48
N LYS B 312 -7.34 1.52 -17.61
CA LYS B 312 -7.07 1.68 -16.19
C LYS B 312 -5.62 1.27 -15.92
N LEU B 313 -5.07 0.41 -16.77
CA LEU B 313 -3.70 -0.06 -16.52
C LEU B 313 -2.62 0.97 -16.75
N MET B 314 -1.40 0.58 -16.44
CA MET B 314 -0.26 1.47 -16.59
C MET B 314 0.86 0.66 -17.25
N LEU B 315 1.85 1.37 -17.77
CA LEU B 315 3.01 0.76 -18.40
C LEU B 315 4.09 1.58 -17.74
N SER B 316 5.26 0.99 -17.62
CA SER B 316 6.40 1.67 -17.04
C SER B 316 7.69 0.98 -17.43
N LEU B 317 8.73 1.77 -17.56
CA LEU B 317 10.04 1.27 -17.92
C LEU B 317 11.05 1.85 -16.98
N LYS B 318 11.82 0.96 -16.37
CA LYS B 318 12.85 1.31 -15.44
C LYS B 318 13.96 0.30 -15.63
N LEU B 319 15.16 0.69 -15.24
CA LEU B 319 16.31 -0.18 -15.36
C LEU B 319 16.42 -1.05 -14.12
N GLU B 320 15.31 -1.21 -13.41
CA GLU B 320 15.28 -2.02 -12.20
C GLU B 320 15.97 -1.38 -10.98
N ASN B 321 17.26 -1.07 -11.11
CA ASN B 321 18.03 -0.46 -10.03
C ASN B 321 17.25 0.66 -9.36
N LYS B 322 17.11 1.75 -10.09
CA LYS B 322 16.43 2.93 -9.62
C LYS B 322 14.96 2.82 -10.02
N GLU B 323 14.13 3.71 -9.45
CA GLU B 323 12.68 3.70 -9.71
C GLU B 323 12.32 4.27 -11.08
N ALA B 324 11.02 4.30 -11.34
CA ALA B 324 10.45 4.78 -12.61
C ALA B 324 11.28 5.66 -13.56
N LYS B 325 11.64 5.06 -14.69
CA LYS B 325 12.38 5.78 -15.72
C LYS B 325 11.32 6.45 -16.60
N VAL B 326 10.10 5.95 -16.49
CA VAL B 326 8.95 6.48 -17.21
C VAL B 326 7.71 5.69 -16.78
N SER B 327 6.71 6.38 -16.29
CA SER B 327 5.49 5.72 -15.88
C SER B 327 4.38 6.36 -16.71
N LYS B 328 3.33 5.61 -17.03
CA LYS B 328 2.23 6.17 -17.84
C LYS B 328 1.05 5.23 -17.99
N ARG B 329 0.00 5.74 -18.63
CA ARG B 329 -1.23 4.99 -18.84
C ARG B 329 -1.53 4.81 -20.33
N GLU B 330 -0.84 3.87 -20.97
CA GLU B 330 -1.02 3.57 -22.38
C GLU B 330 -0.23 2.34 -22.81
N LYS B 331 -0.40 1.94 -24.06
CA LYS B 331 0.23 0.72 -24.56
C LYS B 331 1.51 0.84 -25.41
N ALA B 332 1.99 2.06 -25.61
CA ALA B 332 3.18 2.29 -26.40
C ALA B 332 4.00 3.43 -25.83
N VAL B 333 4.75 3.15 -24.79
CA VAL B 333 5.58 4.15 -24.13
C VAL B 333 6.98 4.05 -24.66
N TRP B 334 7.79 5.09 -24.42
CA TRP B 334 9.17 5.13 -24.90
C TRP B 334 10.08 5.72 -23.85
N VAL B 335 11.35 5.34 -23.88
CA VAL B 335 12.36 5.86 -22.97
C VAL B 335 13.59 6.13 -23.84
N LEU B 336 13.68 7.37 -24.29
CA LEU B 336 14.78 7.78 -25.14
C LEU B 336 16.00 7.95 -24.24
N ASN B 337 17.13 7.43 -24.67
CA ASN B 337 18.43 7.56 -23.93
C ASN B 337 18.44 6.75 -22.62
N PRO B 338 18.67 5.45 -22.68
CA PRO B 338 18.69 4.64 -21.45
C PRO B 338 20.12 4.49 -20.90
N GLU B 339 20.25 3.91 -19.72
CA GLU B 339 21.59 3.70 -19.22
C GLU B 339 21.72 2.28 -18.69
N ALA B 340 22.92 1.71 -18.78
CA ALA B 340 23.20 0.32 -18.41
C ALA B 340 22.46 -0.30 -17.23
N GLY B 341 21.77 -1.41 -17.52
CA GLY B 341 21.01 -2.16 -16.52
C GLY B 341 20.03 -3.09 -17.22
N MET B 342 19.58 -4.15 -16.57
CA MET B 342 18.61 -5.03 -17.22
C MET B 342 17.20 -4.52 -16.98
N TRP B 343 16.81 -3.57 -17.82
CA TRP B 343 15.51 -2.90 -17.78
C TRP B 343 14.31 -3.83 -17.77
N GLN B 344 13.25 -3.35 -17.11
CA GLN B 344 11.99 -4.06 -16.98
C GLN B 344 10.82 -3.21 -17.47
N CYS B 345 9.99 -3.80 -18.34
CA CYS B 345 8.80 -3.15 -18.86
C CYS B 345 7.69 -3.71 -18.01
N LEU B 346 6.81 -2.84 -17.50
CA LEU B 346 5.73 -3.28 -16.62
C LEU B 346 4.31 -2.85 -17.02
N LEU B 347 3.40 -3.82 -17.09
CA LEU B 347 2.00 -3.61 -17.44
C LEU B 347 1.21 -4.09 -16.20
N SER B 348 0.24 -3.32 -15.73
CA SER B 348 -0.50 -3.70 -14.53
C SER B 348 -1.95 -3.19 -14.54
N ASP B 349 -2.38 -2.60 -13.42
CA ASP B 349 -3.71 -2.03 -13.20
C ASP B 349 -3.82 -2.03 -11.70
N SER B 350 -4.19 -0.90 -11.14
CA SER B 350 -4.33 -0.78 -9.72
C SER B 350 -2.95 -0.96 -9.00
N GLY B 351 -2.37 -2.17 -9.04
CA GLY B 351 -1.09 -2.41 -8.37
C GLY B 351 -0.36 -3.71 -8.72
N GLN B 352 -1.07 -4.83 -8.72
CA GLN B 352 -0.48 -6.15 -9.02
C GLN B 352 0.01 -6.25 -10.47
N VAL B 353 1.31 -6.54 -10.59
CA VAL B 353 2.01 -6.65 -11.86
C VAL B 353 1.40 -7.64 -12.83
N LEU B 354 1.09 -7.15 -14.02
CA LEU B 354 0.54 -7.99 -15.08
C LEU B 354 1.68 -8.52 -15.96
N LEU B 355 2.14 -7.71 -16.91
CA LEU B 355 3.19 -8.14 -17.83
C LEU B 355 4.58 -7.63 -17.46
N GLU B 356 5.57 -8.51 -17.51
CA GLU B 356 6.93 -8.13 -17.17
C GLU B 356 7.86 -8.62 -18.26
N SER B 357 8.61 -7.70 -18.85
CA SER B 357 9.54 -8.05 -19.92
C SER B 357 10.89 -7.37 -19.79
N ASN B 358 11.89 -8.18 -19.44
CA ASN B 358 13.27 -7.74 -19.23
C ASN B 358 14.14 -7.61 -20.49
N ILE B 359 15.09 -6.67 -20.43
CA ILE B 359 15.99 -6.34 -21.54
C ILE B 359 17.11 -5.45 -21.02
N LYS B 360 18.33 -5.58 -21.54
CA LYS B 360 19.44 -4.71 -21.08
C LYS B 360 19.94 -3.66 -22.07
N VAL B 361 20.67 -2.70 -21.53
CA VAL B 361 21.21 -1.64 -22.35
C VAL B 361 22.74 -1.72 -22.25
N LEU B 362 23.39 -1.31 -23.31
CA LEU B 362 24.84 -1.41 -23.45
C LEU B 362 25.90 -0.49 -22.84
N PRO B 363 26.08 0.76 -23.34
CA PRO B 363 27.08 1.67 -22.78
C PRO B 363 27.01 1.98 -21.28
#